data_5I43
#
_entry.id   5I43
#
_cell.length_a   64.030
_cell.length_b   63.660
_cell.length_c   79.030
_cell.angle_alpha   90.00
_cell.angle_beta   103.03
_cell.angle_gamma   90.00
#
_symmetry.space_group_name_H-M   'P 1 21 1'
#
loop_
_entity.id
_entity.type
_entity.pdbx_description
1 polymer 'Macrophage metalloelastase'
2 non-polymer 'ZINC ION'
3 non-polymer 'CALCIUM ION'
4 non-polymer '(2R)-2-[({1-[3-({(2R,3R,4R,5S,6R)-3-(acetylamino)-4,5-bis(acetyloxy)-6-[(acetyloxy)methyl]tetrahydro-2H-pyran-2-yl}oxy)propyl]-1H-1,2,3-triazol-4-yl}methyl)(biphenyl-4-ylsulfonyl)amino]-3-methylbutanoic acid (non-preferred name)'
5 non-polymer 1,2-ETHANEDIOL
6 non-polymer 'DIMETHYL SULFOXIDE'
7 non-polymer S-1,2-PROPANEDIOL
8 water water
#
_entity_poly.entity_id   1
_entity_poly.type   'polypeptide(L)'
_entity_poly.pdbx_seq_one_letter_code
;MGPVWRKHYITYRINNYTPDMNREDVDYAIRKAFQVWSNVTPLKFSKINTGMADILVVFARGAHGDDHAFDGKGGILAHA
FGPGSGIGGDAHFDEDEFWTTHSGGTNLFLTAVHQIGHSLGLGHSSDPKAVMFPTYKYVDINTFRLSADDIRGIQSLYG
;
_entity_poly.pdbx_strand_id   A,B,C,D
#
# COMPACT_ATOMS: atom_id res chain seq x y z
N PRO A 3 -36.04 -6.55 17.07
CA PRO A 3 -34.62 -6.26 16.85
C PRO A 3 -34.10 -5.05 17.66
N VAL A 4 -34.76 -4.73 18.80
CA VAL A 4 -34.43 -3.54 19.59
C VAL A 4 -34.41 -3.85 21.07
N TRP A 5 -33.69 -3.01 21.82
CA TRP A 5 -33.81 -3.04 23.29
C TRP A 5 -35.21 -2.58 23.65
N ARG A 6 -35.87 -3.33 24.53
CA ARG A 6 -37.28 -3.09 24.89
C ARG A 6 -37.31 -2.44 26.28
N LYS A 7 -36.24 -1.69 26.58
CA LYS A 7 -36.13 -0.85 27.77
C LYS A 7 -35.26 0.34 27.41
N HIS A 8 -35.30 1.43 28.17
CA HIS A 8 -34.56 2.63 27.79
C HIS A 8 -33.45 3.02 28.78
N TYR A 9 -33.23 2.14 29.78
CA TYR A 9 -32.13 2.25 30.72
C TYR A 9 -31.27 1.06 30.46
N ILE A 10 -30.11 1.30 29.87
CA ILE A 10 -29.25 0.22 29.42
C ILE A 10 -27.86 0.26 30.09
N THR A 11 -27.42 -0.87 30.61
CA THR A 11 -26.18 -0.91 31.32
C THR A 11 -25.06 -1.39 30.42
N TYR A 12 -23.87 -0.87 30.67
CA TYR A 12 -22.67 -1.45 30.10
C TYR A 12 -21.61 -1.69 31.18
N ARG A 13 -20.66 -2.60 30.88
CA ARG A 13 -19.54 -2.88 31.74
C ARG A 13 -18.28 -3.06 30.95
N ILE A 14 -17.19 -2.46 31.36
CA ILE A 14 -15.92 -2.72 30.70
C ILE A 14 -15.34 -3.95 31.30
N ASN A 15 -15.28 -5.00 30.49
CA ASN A 15 -14.87 -6.34 30.94
C ASN A 15 -13.37 -6.36 31.25
N ASN A 16 -12.65 -5.59 30.46
CA ASN A 16 -11.19 -5.47 30.50
C ASN A 16 -10.66 -4.31 29.65
N TYR A 17 -9.41 -3.86 29.92
CA TYR A 17 -8.87 -2.65 29.36
C TYR A 17 -7.75 -3.01 28.42
N THR A 18 -7.66 -2.26 27.34
CA THR A 18 -6.57 -2.46 26.35
C THR A 18 -5.34 -1.85 27.02
N PRO A 19 -4.16 -2.46 26.92
CA PRO A 19 -2.97 -1.78 27.46
C PRO A 19 -2.54 -0.65 26.54
N ASP A 20 -3.20 -0.44 25.42
CA ASP A 20 -2.78 0.58 24.46
C ASP A 20 -2.86 2.03 25.00
N MET A 21 -3.79 2.25 25.91
CA MET A 21 -4.31 3.54 26.32
C MET A 21 -4.44 3.53 27.79
N ASN A 22 -4.34 4.72 28.41
CA ASN A 22 -4.57 4.88 29.80
C ASN A 22 -6.05 4.55 30.09
N ARG A 23 -6.29 4.12 31.33
CA ARG A 23 -7.60 3.62 31.68
C ARG A 23 -8.64 4.66 31.58
N GLU A 24 -8.29 5.81 32.14
CA GLU A 24 -9.05 7.00 32.06
C GLU A 24 -9.51 7.34 30.65
N ASP A 25 -8.59 7.21 29.67
CA ASP A 25 -8.94 7.52 28.26
C ASP A 25 -9.87 6.47 27.66
N VAL A 26 -9.73 5.20 28.09
CA VAL A 26 -10.69 4.14 27.67
C VAL A 26 -12.08 4.48 28.17
N ASP A 27 -12.21 4.70 29.46
CA ASP A 27 -13.50 5.06 30.07
C ASP A 27 -14.13 6.28 29.43
N TYR A 28 -13.31 7.29 29.16
CA TYR A 28 -13.81 8.48 28.57
C TYR A 28 -14.25 8.29 27.13
N ALA A 29 -13.49 7.53 26.36
CA ALA A 29 -13.89 7.21 24.99
C ALA A 29 -15.22 6.49 24.90
N ILE A 30 -15.36 5.49 25.74
CA ILE A 30 -16.56 4.66 25.76
C ILE A 30 -17.79 5.43 26.20
N ARG A 31 -17.67 6.11 27.33
CA ARG A 31 -18.73 6.94 27.84
C ARG A 31 -19.19 8.02 26.82
N LYS A 32 -18.24 8.74 26.22
CA LYS A 32 -18.54 9.70 25.13
C LYS A 32 -19.26 9.05 23.95
N ALA A 33 -18.75 7.86 23.56
CA ALA A 33 -19.42 7.09 22.47
C ALA A 33 -20.88 6.78 22.80
N PHE A 34 -21.16 6.32 24.01
CA PHE A 34 -22.57 6.12 24.40
C PHE A 34 -23.40 7.40 24.39
N GLN A 35 -22.80 8.43 24.94
CA GLN A 35 -23.41 9.71 24.95
C GLN A 35 -23.89 10.20 23.56
N VAL A 36 -23.10 9.95 22.51
CA VAL A 36 -23.44 10.35 21.15
C VAL A 36 -24.88 9.89 20.83
N TRP A 37 -25.22 8.66 21.24
CA TRP A 37 -26.51 8.04 20.90
C TRP A 37 -27.63 8.47 21.88
N SER A 38 -27.25 8.65 23.15
CA SER A 38 -28.23 9.06 24.17
C SER A 38 -28.60 10.55 23.92
N ASN A 39 -27.75 11.32 23.21
CA ASN A 39 -28.09 12.68 22.78
C ASN A 39 -29.23 12.81 21.73
N VAL A 40 -29.53 11.76 20.98
CA VAL A 40 -30.58 11.86 19.93
C VAL A 40 -31.74 10.83 20.11
N THR A 41 -31.79 10.14 21.26
CA THR A 41 -32.83 9.17 21.58
C THR A 41 -33.20 9.37 23.05
N PRO A 42 -34.26 8.71 23.55
CA PRO A 42 -34.51 8.61 25.00
C PRO A 42 -33.71 7.54 25.79
N LEU A 43 -32.71 6.91 25.18
CA LEU A 43 -31.96 5.88 25.88
C LEU A 43 -31.06 6.55 26.88
N LYS A 44 -30.89 5.87 28.03
CA LYS A 44 -29.91 6.26 29.08
C LYS A 44 -28.99 5.10 29.28
N PHE A 45 -27.69 5.37 29.37
CA PHE A 45 -26.69 4.35 29.52
C PHE A 45 -25.97 4.55 30.88
N SER A 46 -25.66 3.47 31.55
CA SER A 46 -25.14 3.50 32.91
C SER A 46 -24.04 2.53 32.92
N LYS A 47 -22.82 2.97 33.18
CA LYS A 47 -21.77 2.03 33.48
C LYS A 47 -21.96 1.31 34.83
N ILE A 48 -21.79 -0.02 34.85
CA ILE A 48 -21.79 -0.75 36.11
C ILE A 48 -20.45 -1.46 36.24
N ASN A 49 -20.11 -1.75 37.48
CA ASN A 49 -18.86 -2.32 37.88
C ASN A 49 -18.98 -3.67 38.54
N THR A 50 -20.15 -4.20 38.61
CA THR A 50 -20.38 -5.50 39.08
C THR A 50 -21.71 -6.02 38.51
N GLY A 51 -21.85 -7.34 38.40
CA GLY A 51 -23.15 -7.91 37.91
C GLY A 51 -23.13 -8.00 36.40
N MET A 52 -24.21 -8.45 35.84
CA MET A 52 -24.26 -8.66 34.42
C MET A 52 -24.86 -7.37 33.75
N ALA A 53 -24.06 -6.76 32.87
CA ALA A 53 -24.46 -5.56 32.10
C ALA A 53 -25.20 -5.98 30.86
N ASP A 54 -26.03 -5.10 30.31
CA ASP A 54 -26.61 -5.38 28.99
C ASP A 54 -25.54 -5.42 27.90
N ILE A 55 -24.76 -4.36 27.81
CA ILE A 55 -23.67 -4.25 26.80
C ILE A 55 -22.31 -4.50 27.46
N LEU A 56 -21.68 -5.62 27.16
CA LEU A 56 -20.34 -5.82 27.67
C LEU A 56 -19.28 -5.42 26.62
N VAL A 57 -18.28 -4.68 27.10
CA VAL A 57 -17.28 -4.15 26.23
C VAL A 57 -16.01 -4.95 26.48
N VAL A 58 -15.47 -5.55 25.42
CA VAL A 58 -14.36 -6.56 25.49
C VAL A 58 -13.23 -6.16 24.53
N PHE A 59 -12.00 -6.17 25.04
CA PHE A 59 -10.83 -6.17 24.18
C PHE A 59 -10.28 -7.56 24.08
N ALA A 60 -10.17 -8.12 22.87
CA ALA A 60 -9.53 -9.41 22.72
C ALA A 60 -8.90 -9.57 21.39
N ARG A 61 -7.93 -10.49 21.31
N ARG A 61 -7.91 -10.46 21.31
CA ARG A 61 -7.30 -10.86 20.05
CA ARG A 61 -7.33 -10.87 20.02
C ARG A 61 -7.74 -12.24 19.54
C ARG A 61 -7.75 -12.27 19.54
N GLY A 62 -7.59 -12.45 18.22
CA GLY A 62 -7.91 -13.70 17.50
C GLY A 62 -9.16 -14.38 17.99
N ALA A 63 -9.09 -15.66 18.25
CA ALA A 63 -10.23 -16.43 18.80
C ALA A 63 -10.53 -16.07 20.28
N HIS A 64 -11.77 -15.69 20.58
CA HIS A 64 -12.09 -15.28 21.99
C HIS A 64 -13.43 -15.76 22.43
N GLY A 65 -13.87 -16.88 21.88
CA GLY A 65 -14.93 -17.66 22.50
C GLY A 65 -16.35 -17.34 22.04
N ASP A 66 -16.47 -16.63 20.93
CA ASP A 66 -17.78 -16.36 20.34
C ASP A 66 -17.94 -16.83 18.93
N ASP A 67 -17.02 -17.69 18.45
CA ASP A 67 -17.14 -18.17 17.06
C ASP A 67 -16.93 -17.15 15.93
N HIS A 68 -16.39 -15.98 16.23
CA HIS A 68 -16.06 -14.97 15.23
C HIS A 68 -14.67 -14.47 15.57
N ALA A 69 -13.69 -15.26 15.29
CA ALA A 69 -12.29 -14.84 15.59
C ALA A 69 -11.88 -13.58 14.77
N PHE A 70 -10.98 -12.87 15.43
CA PHE A 70 -10.42 -11.69 14.89
C PHE A 70 -9.19 -12.12 14.13
N ASP A 71 -8.48 -11.17 13.55
CA ASP A 71 -7.70 -11.45 12.38
C ASP A 71 -6.33 -10.76 12.40
N GLY A 72 -5.89 -10.32 13.58
CA GLY A 72 -4.63 -9.54 13.73
C GLY A 72 -4.78 -8.06 13.32
N LYS A 73 -3.65 -7.42 13.23
CA LYS A 73 -3.64 -6.01 12.92
C LYS A 73 -4.29 -5.74 11.56
N GLY A 74 -5.13 -4.72 11.49
CA GLY A 74 -5.84 -4.43 10.24
C GLY A 74 -7.02 -5.37 10.09
N GLY A 75 -7.71 -5.21 8.95
CA GLY A 75 -8.84 -6.05 8.57
C GLY A 75 -9.98 -5.64 9.48
N ILE A 76 -10.52 -6.59 10.23
CA ILE A 76 -11.69 -6.37 11.07
C ILE A 76 -11.13 -5.64 12.26
N LEU A 77 -11.81 -4.59 12.71
CA LEU A 77 -11.37 -3.81 13.91
C LEU A 77 -12.07 -4.17 15.20
N ALA A 78 -13.34 -4.56 15.04
CA ALA A 78 -14.23 -4.79 16.12
C ALA A 78 -15.47 -5.38 15.55
N HIS A 79 -16.30 -5.96 16.43
CA HIS A 79 -17.67 -6.34 16.07
C HIS A 79 -18.57 -6.28 17.24
N ALA A 80 -19.86 -6.34 16.95
CA ALA A 80 -20.87 -6.16 17.96
C ALA A 80 -22.14 -6.92 17.59
N PHE A 81 -22.76 -7.51 18.63
CA PHE A 81 -24.01 -8.22 18.50
C PHE A 81 -25.25 -7.33 18.73
N GLY A 82 -26.30 -7.54 17.93
CA GLY A 82 -27.49 -6.74 18.06
C GLY A 82 -28.24 -7.03 19.36
N PRO A 83 -29.39 -6.35 19.54
CA PRO A 83 -30.00 -6.42 20.86
C PRO A 83 -30.39 -7.85 21.18
N GLY A 84 -30.15 -8.28 22.40
CA GLY A 84 -30.59 -9.60 22.87
C GLY A 84 -29.94 -9.84 24.21
N SER A 85 -30.27 -10.97 24.80
CA SER A 85 -29.79 -11.36 26.09
C SER A 85 -28.46 -12.05 25.91
N GLY A 86 -27.77 -12.28 27.01
CA GLY A 86 -26.49 -13.00 26.94
C GLY A 86 -25.59 -12.10 26.12
N ILE A 87 -24.96 -12.71 25.13
CA ILE A 87 -23.96 -12.06 24.29
C ILE A 87 -24.51 -10.93 23.42
N GLY A 88 -25.83 -10.88 23.24
CA GLY A 88 -26.48 -9.75 22.63
C GLY A 88 -26.06 -8.40 23.20
N GLY A 89 -25.91 -7.43 22.31
CA GLY A 89 -25.45 -6.12 22.69
C GLY A 89 -23.96 -5.98 22.84
N ASP A 90 -23.22 -7.09 23.01
CA ASP A 90 -21.82 -7.01 23.44
C ASP A 90 -20.97 -6.49 22.29
N ALA A 91 -20.04 -5.59 22.62
CA ALA A 91 -19.14 -5.02 21.65
C ALA A 91 -17.69 -5.46 21.95
N HIS A 92 -17.00 -6.01 20.94
CA HIS A 92 -15.66 -6.61 21.09
C HIS A 92 -14.76 -5.82 20.19
N PHE A 93 -13.58 -5.48 20.68
CA PHE A 93 -12.64 -4.66 20.01
C PHE A 93 -11.35 -5.50 19.86
N ASP A 94 -10.86 -5.59 18.63
CA ASP A 94 -9.68 -6.40 18.36
C ASP A 94 -8.41 -5.78 19.02
N GLU A 95 -7.90 -6.46 20.01
CA GLU A 95 -6.70 -5.97 20.67
C GLU A 95 -5.39 -5.91 19.81
N ASP A 96 -5.35 -6.57 18.69
CA ASP A 96 -4.24 -6.47 17.79
C ASP A 96 -4.25 -5.11 17.06
N GLU A 97 -5.34 -4.32 17.14
CA GLU A 97 -5.23 -2.96 16.70
C GLU A 97 -4.45 -2.16 17.77
N PHE A 98 -4.08 -0.97 17.41
CA PHE A 98 -3.57 -0.05 18.34
C PHE A 98 -4.57 1.00 18.56
N TRP A 99 -5.22 0.94 19.71
CA TRP A 99 -6.26 1.90 19.99
C TRP A 99 -5.71 3.20 20.58
N THR A 100 -6.24 4.33 20.08
CA THR A 100 -5.71 5.61 20.46
C THR A 100 -6.83 6.59 20.66
N THR A 101 -6.47 7.65 21.36
CA THR A 101 -7.42 8.74 21.65
C THR A 101 -7.46 9.75 20.49
N HIS A 102 -6.41 9.85 19.69
CA HIS A 102 -6.44 10.73 18.51
C HIS A 102 -6.37 9.88 17.21
N SER A 103 -5.76 10.47 16.17
CA SER A 103 -5.46 9.88 14.85
C SER A 103 -4.44 8.75 14.69
N GLY A 104 -3.60 8.44 15.69
CA GLY A 104 -2.57 7.41 15.47
C GLY A 104 -3.37 6.12 15.47
N GLY A 105 -2.92 5.04 14.86
CA GLY A 105 -3.58 3.74 15.02
C GLY A 105 -5.07 3.81 14.67
N THR A 106 -5.92 3.33 15.57
CA THR A 106 -7.36 3.32 15.32
C THR A 106 -8.02 4.00 16.52
N ASN A 107 -8.90 4.94 16.25
CA ASN A 107 -9.44 5.79 17.23
C ASN A 107 -10.55 5.06 17.96
N LEU A 108 -10.49 5.04 19.31
CA LEU A 108 -11.36 4.11 20.04
C LEU A 108 -12.80 4.70 20.05
N PHE A 109 -12.88 6.03 20.24
CA PHE A 109 -14.07 6.68 20.24
C PHE A 109 -14.90 6.40 18.98
N LEU A 110 -14.34 6.64 17.82
CA LEU A 110 -15.11 6.55 16.56
C LEU A 110 -15.57 5.10 16.38
N THR A 111 -14.64 4.17 16.64
CA THR A 111 -14.96 2.74 16.50
C THR A 111 -16.07 2.33 17.46
N ALA A 112 -16.03 2.84 18.69
CA ALA A 112 -17.07 2.58 19.61
C ALA A 112 -18.43 3.17 19.24
N VAL A 113 -18.45 4.36 18.65
CA VAL A 113 -19.72 4.95 18.25
C VAL A 113 -20.38 4.00 17.25
N HIS A 114 -19.57 3.58 16.27
CA HIS A 114 -20.07 2.61 15.26
C HIS A 114 -20.60 1.35 15.85
N GLN A 115 -19.77 0.68 16.67
CA GLN A 115 -20.13 -0.65 17.29
C GLN A 115 -21.31 -0.58 18.22
N ILE A 116 -21.46 0.51 18.92
CA ILE A 116 -22.64 0.71 19.79
C ILE A 116 -23.88 0.89 18.95
N GLY A 117 -23.74 1.57 17.78
CA GLY A 117 -24.79 1.54 16.73
C GLY A 117 -25.39 0.14 16.45
N HIS A 118 -24.48 -0.79 16.23
CA HIS A 118 -24.83 -2.18 15.99
C HIS A 118 -25.37 -2.84 17.28
N SER A 119 -24.73 -2.58 18.43
CA SER A 119 -25.32 -3.06 19.72
C SER A 119 -26.77 -2.59 19.88
N LEU A 120 -27.11 -1.42 19.34
CA LEU A 120 -28.47 -0.84 19.43
C LEU A 120 -29.39 -1.31 18.32
N GLY A 121 -28.87 -1.98 17.31
CA GLY A 121 -29.73 -2.50 16.24
C GLY A 121 -29.58 -1.85 14.88
N LEU A 122 -28.56 -1.01 14.71
CA LEU A 122 -28.37 -0.35 13.43
C LEU A 122 -27.60 -1.22 12.44
N GLY A 123 -27.97 -1.08 11.17
CA GLY A 123 -27.20 -1.66 10.04
C GLY A 123 -26.25 -0.63 9.51
N HIS A 124 -25.83 -0.76 8.26
CA HIS A 124 -24.88 0.17 7.69
C HIS A 124 -25.56 1.24 6.86
N SER A 125 -24.82 2.34 6.66
CA SER A 125 -25.26 3.50 5.89
C SER A 125 -24.49 3.62 4.59
N SER A 126 -25.12 4.18 3.53
CA SER A 126 -24.43 4.40 2.28
C SER A 126 -23.78 5.79 2.18
N ASP A 127 -23.93 6.59 3.24
CA ASP A 127 -23.40 7.95 3.28
C ASP A 127 -21.99 7.94 3.91
N PRO A 128 -20.95 8.31 3.14
CA PRO A 128 -19.63 8.28 3.72
C PRO A 128 -19.44 9.22 4.91
N LYS A 129 -20.29 10.22 5.07
CA LYS A 129 -20.33 11.06 6.25
C LYS A 129 -20.91 10.37 7.50
N ALA A 130 -21.70 9.32 7.32
CA ALA A 130 -22.30 8.65 8.44
C ALA A 130 -21.31 7.85 9.32
N VAL A 131 -21.60 7.83 10.62
CA VAL A 131 -20.84 7.00 11.52
C VAL A 131 -21.04 5.50 11.27
N MET A 132 -22.23 5.09 10.75
CA MET A 132 -22.54 3.71 10.41
C MET A 132 -22.14 3.35 8.96
N PHE A 133 -21.41 4.23 8.30
CA PHE A 133 -20.71 3.82 7.09
C PHE A 133 -19.81 2.68 7.40
N PRO A 134 -19.63 1.70 6.46
CA PRO A 134 -18.90 0.48 6.74
C PRO A 134 -17.41 0.53 6.72
N THR A 135 -16.79 1.62 6.37
CA THR A 135 -15.33 1.70 6.35
C THR A 135 -14.85 2.77 7.33
N TYR A 136 -13.84 2.40 8.10
CA TYR A 136 -13.17 3.24 9.08
C TYR A 136 -12.27 4.30 8.44
N LYS A 137 -12.49 5.54 8.86
CA LYS A 137 -11.60 6.62 8.46
C LYS A 137 -11.61 7.63 9.59
N TYR A 138 -10.45 8.22 9.85
CA TYR A 138 -10.34 9.13 10.95
C TYR A 138 -11.02 10.45 10.53
N VAL A 139 -12.04 10.85 11.23
CA VAL A 139 -12.65 12.15 11.03
C VAL A 139 -12.34 13.02 12.21
N ASP A 140 -12.48 14.32 11.98
CA ASP A 140 -12.13 15.32 13.01
C ASP A 140 -13.10 15.16 14.16
N ILE A 141 -12.61 14.72 15.31
CA ILE A 141 -13.52 14.51 16.45
C ILE A 141 -14.10 15.86 17.05
N ASN A 142 -13.36 16.95 16.91
CA ASN A 142 -13.91 18.27 17.22
C ASN A 142 -15.13 18.61 16.38
N THR A 143 -15.20 18.16 15.12
CA THR A 143 -16.42 18.43 14.28
C THR A 143 -17.35 17.25 14.17
N PHE A 144 -17.08 16.18 14.94
CA PHE A 144 -17.92 14.96 14.90
C PHE A 144 -19.37 15.27 15.11
N ARG A 145 -20.19 14.65 14.31
CA ARG A 145 -21.61 14.74 14.48
C ARG A 145 -22.24 13.62 13.71
N LEU A 146 -23.35 13.09 14.25
CA LEU A 146 -24.11 12.11 13.54
C LEU A 146 -24.72 12.67 12.25
N SER A 147 -24.74 11.88 11.18
CA SER A 147 -25.35 12.37 9.93
C SER A 147 -26.86 12.16 10.07
N ALA A 148 -27.61 12.74 9.14
CA ALA A 148 -29.08 12.60 9.11
C ALA A 148 -29.45 11.16 8.97
N ASP A 149 -28.67 10.39 8.24
CA ASP A 149 -28.92 8.97 8.08
C ASP A 149 -28.84 8.18 9.43
N ASP A 150 -27.84 8.47 10.24
CA ASP A 150 -27.74 7.90 11.58
C ASP A 150 -28.90 8.30 12.44
N ILE A 151 -29.31 9.55 12.36
CA ILE A 151 -30.32 10.04 13.29
C ILE A 151 -31.66 9.39 12.94
N ARG A 152 -31.97 9.36 11.65
CA ARG A 152 -33.20 8.73 11.18
C ARG A 152 -33.21 7.23 11.57
N GLY A 153 -32.12 6.53 11.34
CA GLY A 153 -32.05 5.14 11.68
C GLY A 153 -32.30 4.91 13.16
N ILE A 154 -31.58 5.63 14.01
CA ILE A 154 -31.68 5.39 15.43
C ILE A 154 -33.03 5.78 15.97
N GLN A 155 -33.58 6.88 15.47
CA GLN A 155 -34.91 7.36 15.91
C GLN A 155 -36.06 6.51 15.46
N SER A 156 -35.92 5.85 14.32
CA SER A 156 -36.86 4.83 13.88
C SER A 156 -36.96 3.63 14.83
N LEU A 157 -35.87 3.31 15.54
CA LEU A 157 -35.86 2.25 16.51
C LEU A 157 -36.31 2.67 17.90
N TYR A 158 -35.96 3.87 18.32
CA TYR A 158 -36.09 4.27 19.72
C TYR A 158 -36.86 5.56 20.03
N GLY A 159 -37.23 6.32 19.01
CA GLY A 159 -37.94 7.57 19.20
C GLY A 159 -39.36 7.24 19.59
N MET B 1 -34.45 7.12 -5.60
CA MET B 1 -35.88 7.52 -5.76
C MET B 1 -36.32 7.71 -7.23
N GLY B 2 -35.50 8.40 -8.02
CA GLY B 2 -35.81 8.72 -9.43
C GLY B 2 -35.10 10.02 -9.78
N PRO B 3 -35.24 10.53 -11.01
CA PRO B 3 -36.09 10.00 -12.08
C PRO B 3 -35.44 8.88 -12.96
N VAL B 4 -36.03 8.51 -14.10
CA VAL B 4 -35.57 7.33 -14.84
C VAL B 4 -35.65 7.50 -16.36
N TRP B 5 -34.92 6.72 -17.13
CA TRP B 5 -34.97 6.80 -18.58
C TRP B 5 -36.26 6.18 -19.04
N ARG B 6 -37.01 6.88 -19.89
CA ARG B 6 -38.34 6.43 -20.27
C ARG B 6 -38.30 5.74 -21.64
N LYS B 7 -37.34 4.81 -21.78
CA LYS B 7 -37.07 4.09 -23.02
C LYS B 7 -36.04 3.04 -22.68
N HIS B 8 -36.00 1.98 -23.46
CA HIS B 8 -35.04 0.90 -23.23
C HIS B 8 -33.83 0.90 -24.16
N TYR B 9 -33.90 1.71 -25.24
CA TYR B 9 -32.81 1.86 -26.19
C TYR B 9 -32.08 3.18 -25.89
N ILE B 10 -30.83 3.06 -25.46
CA ILE B 10 -30.07 4.21 -24.92
C ILE B 10 -28.74 4.27 -25.68
N THR B 11 -28.42 5.41 -26.25
CA THR B 11 -27.19 5.54 -27.02
C THR B 11 -26.14 6.17 -26.15
N TYR B 12 -24.88 5.94 -26.51
CA TYR B 12 -23.77 6.63 -25.88
C TYR B 12 -22.79 6.96 -26.91
N ARG B 13 -21.93 7.95 -26.62
CA ARG B 13 -20.90 8.37 -27.55
C ARG B 13 -19.72 8.76 -26.75
N ILE B 14 -18.55 8.34 -27.20
CA ILE B 14 -17.28 8.76 -26.57
C ILE B 14 -16.89 10.07 -27.19
N ASN B 15 -17.06 11.14 -26.43
CA ASN B 15 -16.70 12.48 -26.85
C ASN B 15 -15.25 12.64 -27.25
N ASN B 16 -14.38 12.06 -26.46
CA ASN B 16 -12.91 12.23 -26.56
C ASN B 16 -12.25 11.17 -25.81
N TYR B 17 -10.98 10.97 -26.10
CA TYR B 17 -10.18 9.87 -25.54
C TYR B 17 -9.08 10.34 -24.60
N THR B 18 -8.88 9.58 -23.54
CA THR B 18 -7.87 9.94 -22.58
C THR B 18 -6.60 9.48 -23.26
N PRO B 19 -5.52 10.23 -23.14
CA PRO B 19 -4.27 9.73 -23.65
C PRO B 19 -3.57 8.69 -22.78
N ASP B 20 -4.15 8.30 -21.65
CA ASP B 20 -3.53 7.37 -20.69
C ASP B 20 -3.47 5.95 -21.21
N MET B 21 -4.41 5.59 -22.08
CA MET B 21 -4.72 4.24 -22.48
C MET B 21 -4.85 4.23 -23.96
N ASN B 22 -4.66 3.06 -24.58
CA ASN B 22 -4.98 2.95 -26.00
C ASN B 22 -6.51 3.08 -26.19
N ARG B 23 -6.92 3.67 -27.32
CA ARG B 23 -8.34 3.85 -27.64
C ARG B 23 -9.18 2.58 -27.64
N GLU B 24 -8.64 1.53 -28.23
N GLU B 24 -8.60 1.53 -28.23
CA GLU B 24 -9.37 0.25 -28.23
CA GLU B 24 -9.19 0.18 -28.20
C GLU B 24 -9.58 -0.29 -26.78
C GLU B 24 -9.57 -0.25 -26.79
N ASP B 25 -8.66 0.01 -25.84
CA ASP B 25 -8.88 -0.36 -24.46
C ASP B 25 -9.90 0.49 -23.78
N VAL B 26 -9.97 1.79 -24.12
CA VAL B 26 -11.06 2.69 -23.71
C VAL B 26 -12.44 2.25 -24.24
N ASP B 27 -12.55 2.04 -25.55
CA ASP B 27 -13.74 1.46 -26.15
C ASP B 27 -14.16 0.17 -25.45
N TYR B 28 -13.21 -0.67 -25.18
CA TYR B 28 -13.48 -2.00 -24.58
C TYR B 28 -14.00 -1.90 -23.14
N ALA B 29 -13.38 -1.02 -22.34
CA ALA B 29 -13.82 -0.88 -20.94
C ALA B 29 -15.21 -0.24 -20.88
N ILE B 30 -15.44 0.73 -21.77
CA ILE B 30 -16.70 1.36 -21.84
C ILE B 30 -17.80 0.44 -22.22
N ARG B 31 -17.53 -0.27 -23.27
CA ARG B 31 -18.54 -1.21 -23.80
C ARG B 31 -18.88 -2.31 -22.76
N LYS B 32 -17.86 -2.88 -22.18
CA LYS B 32 -18.02 -3.88 -21.13
C LYS B 32 -18.74 -3.33 -19.92
N ALA B 33 -18.43 -2.09 -19.49
CA ALA B 33 -19.22 -1.50 -18.35
C ALA B 33 -20.73 -1.40 -18.68
N PHE B 34 -21.04 -0.99 -19.91
CA PHE B 34 -22.44 -0.96 -20.33
C PHE B 34 -23.10 -2.34 -20.31
N GLN B 35 -22.34 -3.36 -20.78
CA GLN B 35 -22.79 -4.74 -20.72
C GLN B 35 -23.14 -5.22 -19.34
N VAL B 36 -22.39 -4.77 -18.34
CA VAL B 36 -22.65 -5.17 -16.96
C VAL B 36 -24.12 -4.87 -16.62
N TRP B 37 -24.60 -3.67 -16.94
CA TRP B 37 -26.01 -3.29 -16.69
C TRP B 37 -27.05 -3.92 -17.61
N SER B 38 -26.77 -3.93 -18.91
CA SER B 38 -27.70 -4.61 -19.91
C SER B 38 -27.85 -6.13 -19.65
N ASN B 39 -26.87 -6.75 -19.01
CA ASN B 39 -27.04 -8.15 -18.57
C ASN B 39 -28.06 -8.45 -17.48
N VAL B 40 -28.53 -7.45 -16.75
CA VAL B 40 -29.49 -7.71 -15.65
C VAL B 40 -30.76 -6.85 -15.77
N THR B 41 -30.94 -6.23 -16.94
CA THR B 41 -32.09 -5.39 -17.29
C THR B 41 -32.52 -5.65 -18.76
N PRO B 42 -33.64 -5.06 -19.20
CA PRO B 42 -33.92 -5.10 -20.63
C PRO B 42 -33.37 -3.83 -21.39
N LEU B 43 -32.46 -3.06 -20.79
CA LEU B 43 -31.87 -1.90 -21.47
C LEU B 43 -30.90 -2.38 -22.53
N LYS B 44 -30.91 -1.73 -23.68
CA LYS B 44 -29.94 -1.95 -24.75
C LYS B 44 -29.16 -0.68 -24.95
N PHE B 45 -27.83 -0.84 -25.05
CA PHE B 45 -26.92 0.24 -25.24
C PHE B 45 -26.24 0.12 -26.61
N SER B 46 -26.24 1.24 -27.34
CA SER B 46 -25.65 1.30 -28.67
C SER B 46 -24.68 2.45 -28.71
N LYS B 47 -23.44 2.17 -29.11
CA LYS B 47 -22.50 3.24 -29.31
C LYS B 47 -22.78 3.95 -30.63
N ILE B 48 -22.89 5.28 -30.63
CA ILE B 48 -23.00 6.01 -31.93
C ILE B 48 -21.77 6.86 -32.12
N ASN B 49 -21.48 7.17 -33.39
CA ASN B 49 -20.27 7.93 -33.82
C ASN B 49 -20.59 9.28 -34.43
N THR B 50 -21.85 9.66 -34.41
CA THR B 50 -22.26 10.94 -34.85
C THR B 50 -23.64 11.19 -34.27
N GLY B 51 -23.99 12.48 -34.17
CA GLY B 51 -25.28 12.96 -33.64
C GLY B 51 -25.27 13.02 -32.12
N MET B 52 -26.40 13.35 -31.51
CA MET B 52 -26.45 13.51 -30.05
C MET B 52 -26.75 12.19 -29.35
N ALA B 53 -25.89 11.73 -28.44
CA ALA B 53 -26.08 10.47 -27.74
C ALA B 53 -26.86 10.78 -26.51
N ASP B 54 -27.49 9.78 -25.89
CA ASP B 54 -28.14 10.00 -24.59
C ASP B 54 -27.06 10.20 -23.52
N ILE B 55 -26.17 9.26 -23.43
CA ILE B 55 -25.02 9.33 -22.50
C ILE B 55 -23.75 9.73 -23.27
N LEU B 56 -23.29 10.95 -23.09
CA LEU B 56 -21.98 11.36 -23.55
C LEU B 56 -20.93 11.07 -22.49
N VAL B 57 -19.87 10.42 -22.91
CA VAL B 57 -18.71 10.09 -22.10
C VAL B 57 -17.51 11.04 -22.44
N VAL B 58 -16.90 11.64 -21.45
CA VAL B 58 -16.06 12.85 -21.61
C VAL B 58 -14.95 12.64 -20.57
N PHE B 59 -13.71 12.75 -21.02
CA PHE B 59 -12.55 12.89 -20.16
C PHE B 59 -12.13 14.34 -20.12
N ALA B 60 -12.21 14.96 -18.95
CA ALA B 60 -11.80 16.38 -18.78
C ALA B 60 -11.05 16.54 -17.47
N ARG B 61 -10.21 17.56 -17.37
CA ARG B 61 -9.58 17.96 -16.10
C ARG B 61 -10.17 19.30 -15.65
N GLY B 62 -10.06 19.58 -14.35
CA GLY B 62 -10.40 20.91 -13.82
C GLY B 62 -11.81 21.31 -14.23
N ALA B 63 -11.97 22.61 -14.46
CA ALA B 63 -13.24 23.15 -14.96
C ALA B 63 -13.51 22.76 -16.44
N HIS B 64 -14.69 22.20 -16.73
CA HIS B 64 -15.03 21.74 -18.06
C HIS B 64 -16.44 22.06 -18.52
N GLY B 65 -17.06 23.11 -17.94
CA GLY B 65 -18.26 23.77 -18.50
C GLY B 65 -19.60 23.26 -17.99
N ASP B 66 -19.60 22.52 -16.89
CA ASP B 66 -20.86 22.01 -16.32
C ASP B 66 -21.09 22.45 -14.89
N ASP B 67 -20.28 23.41 -14.40
CA ASP B 67 -20.38 23.94 -13.00
C ASP B 67 -19.99 22.94 -11.88
N HIS B 68 -19.43 21.77 -12.25
CA HIS B 68 -18.81 20.82 -11.31
C HIS B 68 -17.34 20.54 -11.68
N ALA B 69 -16.44 21.43 -11.32
CA ALA B 69 -15.04 21.35 -11.67
C ALA B 69 -14.34 20.24 -10.91
N PHE B 70 -13.49 19.51 -11.61
CA PHE B 70 -12.74 18.44 -11.03
C PHE B 70 -11.56 19.10 -10.30
N ASP B 71 -10.73 18.24 -9.67
CA ASP B 71 -9.96 18.63 -8.47
C ASP B 71 -8.51 18.19 -8.47
N GLY B 72 -7.97 17.84 -9.62
CA GLY B 72 -6.60 17.35 -9.75
C GLY B 72 -6.57 15.89 -9.37
N LYS B 73 -5.35 15.37 -9.38
CA LYS B 73 -5.13 13.92 -9.13
C LYS B 73 -5.66 13.52 -7.76
N GLY B 74 -6.37 12.39 -7.69
CA GLY B 74 -7.01 11.97 -6.44
C GLY B 74 -8.36 12.64 -6.26
N GLY B 75 -8.92 12.44 -5.07
CA GLY B 75 -10.17 13.04 -4.67
C GLY B 75 -11.26 12.45 -5.53
N ILE B 76 -11.93 13.34 -6.24
CA ILE B 76 -13.02 12.98 -7.15
C ILE B 76 -12.43 12.40 -8.43
N LEU B 77 -13.00 11.28 -8.82
CA LEU B 77 -12.48 10.53 -9.93
C LEU B 77 -13.24 10.84 -11.18
N ALA B 78 -14.54 11.07 -11.01
CA ALA B 78 -15.50 11.01 -12.08
C ALA B 78 -16.80 11.43 -11.53
N HIS B 79 -17.71 11.79 -12.45
CA HIS B 79 -19.05 12.03 -12.02
C HIS B 79 -20.05 11.88 -13.18
N ALA B 80 -21.33 11.72 -12.87
CA ALA B 80 -22.27 11.39 -13.90
C ALA B 80 -23.61 12.00 -13.53
N PHE B 81 -24.35 12.48 -14.52
CA PHE B 81 -25.68 13.10 -14.29
C PHE B 81 -26.80 12.10 -14.36
N GLY B 82 -27.78 12.24 -13.45
CA GLY B 82 -28.95 11.36 -13.51
C GLY B 82 -29.69 11.46 -14.86
N PRO B 83 -30.68 10.56 -15.10
CA PRO B 83 -31.32 10.62 -16.40
C PRO B 83 -32.03 11.94 -16.70
N GLY B 84 -32.05 12.31 -17.96
CA GLY B 84 -32.62 13.58 -18.39
C GLY B 84 -32.11 13.94 -19.78
N SER B 85 -32.58 15.05 -20.30
CA SER B 85 -32.18 15.52 -21.60
C SER B 85 -30.93 16.35 -21.41
N GLY B 86 -30.26 16.60 -22.52
CA GLY B 86 -29.03 17.41 -22.50
C GLY B 86 -27.94 16.74 -21.68
N ILE B 87 -27.41 17.49 -20.73
CA ILE B 87 -26.41 17.01 -19.76
C ILE B 87 -26.85 15.74 -18.99
N GLY B 88 -28.14 15.50 -18.88
CA GLY B 88 -28.57 14.32 -18.16
C GLY B 88 -27.92 13.07 -18.74
N GLY B 89 -27.60 12.12 -17.91
CA GLY B 89 -26.97 10.91 -18.42
C GLY B 89 -25.48 10.96 -18.49
N ASP B 90 -24.91 12.13 -18.64
CA ASP B 90 -23.55 12.26 -19.18
C ASP B 90 -22.61 11.80 -18.05
N ALA B 91 -21.54 11.10 -18.44
CA ALA B 91 -20.57 10.53 -17.50
C ALA B 91 -19.16 11.14 -17.83
N HIS B 92 -18.59 11.87 -16.90
CA HIS B 92 -17.30 12.56 -17.11
C HIS B 92 -16.25 11.96 -16.19
N PHE B 93 -15.07 11.80 -16.74
CA PHE B 93 -13.96 11.17 -16.11
C PHE B 93 -12.72 12.15 -15.95
N ASP B 94 -12.22 12.22 -14.73
CA ASP B 94 -11.15 13.21 -14.43
C ASP B 94 -9.86 12.80 -15.06
N GLU B 95 -9.47 13.58 -16.05
CA GLU B 95 -8.30 13.28 -16.83
C GLU B 95 -7.03 13.45 -16.01
N ASP B 96 -7.09 14.20 -14.90
CA ASP B 96 -5.89 14.22 -13.95
C ASP B 96 -5.68 12.94 -13.22
N GLU B 97 -6.64 12.01 -13.24
CA GLU B 97 -6.34 10.63 -12.87
C GLU B 97 -5.52 9.99 -13.92
N PHE B 98 -4.91 8.87 -13.56
CA PHE B 98 -4.31 8.02 -14.51
C PHE B 98 -5.19 6.77 -14.78
N TRP B 99 -5.88 6.71 -15.95
CA TRP B 99 -6.82 5.58 -16.32
C TRP B 99 -6.06 4.38 -16.89
N THR B 100 -6.44 3.20 -16.42
CA THR B 100 -5.72 1.99 -16.68
C THR B 100 -6.66 0.86 -16.98
N THR B 101 -6.18 -0.17 -17.69
CA THR B 101 -6.98 -1.37 -17.97
C THR B 101 -7.12 -2.32 -16.77
N HIS B 102 -6.07 -2.39 -16.00
CA HIS B 102 -6.05 -3.12 -14.71
C HIS B 102 -5.80 -2.19 -13.55
N SER B 103 -4.77 -2.45 -12.73
CA SER B 103 -4.64 -1.75 -11.43
C SER B 103 -3.53 -0.69 -11.37
N GLY B 104 -2.99 -0.31 -12.51
CA GLY B 104 -1.88 0.68 -12.50
C GLY B 104 -2.17 2.08 -11.93
N GLY B 105 -3.42 2.47 -11.93
CA GLY B 105 -3.80 3.85 -11.65
C GLY B 105 -5.20 3.74 -11.19
N THR B 106 -6.14 4.33 -11.89
CA THR B 106 -7.57 4.22 -11.53
C THR B 106 -8.19 3.41 -12.68
N ASN B 107 -8.86 2.30 -12.33
CA ASN B 107 -9.39 1.33 -13.28
C ASN B 107 -10.58 1.89 -14.04
N LEU B 108 -10.43 2.05 -15.37
CA LEU B 108 -11.50 2.75 -16.11
C LEU B 108 -12.80 2.00 -16.07
N PHE B 109 -12.68 0.68 -16.30
CA PHE B 109 -13.84 -0.25 -16.39
C PHE B 109 -14.70 -0.16 -15.15
N LEU B 110 -14.09 -0.39 -14.00
CA LEU B 110 -14.86 -0.34 -12.70
C LEU B 110 -15.45 1.09 -12.39
N THR B 111 -14.68 2.14 -12.60
CA THR B 111 -15.22 3.53 -12.41
C THR B 111 -16.40 3.83 -13.40
N ALA B 112 -16.33 3.35 -14.62
CA ALA B 112 -17.41 3.46 -15.54
C ALA B 112 -18.65 2.66 -15.16
N VAL B 113 -18.51 1.41 -14.70
CA VAL B 113 -19.71 0.67 -14.24
C VAL B 113 -20.47 1.49 -13.16
N HIS B 114 -19.75 1.94 -12.15
CA HIS B 114 -20.37 2.87 -11.15
C HIS B 114 -21.00 4.19 -11.74
N GLN B 115 -20.25 4.92 -12.60
CA GLN B 115 -20.82 6.16 -13.22
C GLN B 115 -22.09 5.90 -14.05
N ILE B 116 -22.07 4.82 -14.83
CA ILE B 116 -23.19 4.39 -15.61
C ILE B 116 -24.35 4.12 -14.71
N GLY B 117 -24.07 3.51 -13.54
CA GLY B 117 -25.10 3.27 -12.52
C GLY B 117 -25.89 4.54 -12.21
N HIS B 118 -25.14 5.60 -11.93
CA HIS B 118 -25.67 6.92 -11.71
C HIS B 118 -26.35 7.46 -12.98
N SER B 119 -25.76 7.29 -14.22
CA SER B 119 -26.37 7.82 -15.39
C SER B 119 -27.71 7.13 -15.58
N LEU B 120 -27.86 5.91 -15.07
CA LEU B 120 -29.18 5.20 -15.10
C LEU B 120 -30.10 5.56 -13.97
N GLY B 121 -29.62 6.32 -12.98
CA GLY B 121 -30.50 6.82 -11.89
C GLY B 121 -30.33 6.08 -10.57
N LEU B 122 -29.28 5.25 -10.44
CA LEU B 122 -28.94 4.64 -9.16
C LEU B 122 -28.18 5.61 -8.22
N GLY B 123 -28.46 5.45 -6.93
CA GLY B 123 -27.73 6.12 -5.90
C GLY B 123 -26.71 5.16 -5.37
N HIS B 124 -26.25 5.41 -4.15
CA HIS B 124 -25.23 4.56 -3.51
C HIS B 124 -25.77 3.43 -2.64
N SER B 125 -24.93 2.43 -2.51
CA SER B 125 -25.17 1.27 -1.70
C SER B 125 -24.35 1.30 -0.40
N SER B 126 -24.87 0.66 0.64
CA SER B 126 -24.12 0.47 1.88
C SER B 126 -23.33 -0.84 1.92
N ASP B 127 -23.39 -1.64 0.85
CA ASP B 127 -22.60 -2.87 0.69
C ASP B 127 -21.21 -2.62 0.13
N PRO B 128 -20.16 -2.84 0.95
CA PRO B 128 -18.81 -2.57 0.42
C PRO B 128 -18.48 -3.37 -0.82
N LYS B 129 -19.25 -4.43 -1.06
CA LYS B 129 -19.14 -5.29 -2.24
C LYS B 129 -19.88 -4.79 -3.49
N ALA B 130 -20.79 -3.83 -3.32
CA ALA B 130 -21.55 -3.28 -4.38
C ALA B 130 -20.70 -2.41 -5.24
N VAL B 131 -20.98 -2.46 -6.55
CA VAL B 131 -20.29 -1.59 -7.50
C VAL B 131 -20.72 -0.15 -7.24
N MET B 132 -21.95 0.06 -6.73
CA MET B 132 -22.45 1.38 -6.29
C MET B 132 -22.07 1.81 -4.86
N PHE B 133 -21.24 1.02 -4.16
CA PHE B 133 -20.55 1.51 -2.95
C PHE B 133 -19.84 2.81 -3.30
N PRO B 134 -19.78 3.79 -2.35
CA PRO B 134 -19.28 5.14 -2.62
C PRO B 134 -17.74 5.34 -2.62
N THR B 135 -16.97 4.26 -2.43
CA THR B 135 -15.53 4.35 -2.31
C THR B 135 -14.94 3.52 -3.42
N TYR B 136 -13.99 4.07 -4.14
CA TYR B 136 -13.30 3.28 -5.16
C TYR B 136 -12.36 2.29 -4.46
N LYS B 137 -12.34 1.05 -4.93
CA LYS B 137 -11.23 0.20 -4.57
C LYS B 137 -11.06 -0.82 -5.71
N TYR B 138 -9.83 -1.22 -6.02
CA TYR B 138 -9.66 -2.18 -7.10
C TYR B 138 -10.15 -3.55 -6.62
N VAL B 139 -11.06 -4.17 -7.38
CA VAL B 139 -11.43 -5.56 -7.16
C VAL B 139 -10.99 -6.40 -8.39
N ASP B 140 -10.96 -7.69 -8.16
CA ASP B 140 -10.51 -8.63 -9.19
C ASP B 140 -11.53 -8.59 -10.32
N ILE B 141 -11.14 -8.05 -11.47
CA ILE B 141 -12.08 -7.93 -12.59
C ILE B 141 -12.49 -9.31 -13.06
N ASN B 142 -11.62 -10.32 -12.89
CA ASN B 142 -11.97 -11.71 -13.26
C ASN B 142 -13.21 -12.29 -12.49
N THR B 143 -13.37 -11.90 -11.23
CA THR B 143 -14.47 -12.41 -10.40
C THR B 143 -15.53 -11.28 -10.23
N PHE B 144 -15.37 -10.19 -10.97
CA PHE B 144 -16.32 -9.09 -10.88
C PHE B 144 -17.74 -9.56 -11.19
N ARG B 145 -18.64 -9.13 -10.35
CA ARG B 145 -20.06 -9.44 -10.52
C ARG B 145 -20.81 -8.36 -9.75
N LEU B 146 -22.01 -8.00 -10.19
CA LEU B 146 -22.84 -7.07 -9.42
C LEU B 146 -23.32 -7.75 -8.14
N SER B 147 -23.41 -6.99 -7.07
CA SER B 147 -23.99 -7.49 -5.82
C SER B 147 -25.49 -7.60 -5.92
N ALA B 148 -26.11 -8.29 -4.93
CA ALA B 148 -27.56 -8.38 -4.91
C ALA B 148 -28.19 -7.02 -4.79
N ASP B 149 -27.49 -6.14 -4.09
CA ASP B 149 -27.90 -4.76 -3.87
C ASP B 149 -27.94 -3.96 -5.20
N ASP B 150 -26.90 -4.09 -6.00
CA ASP B 150 -26.88 -3.42 -7.32
C ASP B 150 -28.02 -3.94 -8.19
N ILE B 151 -28.22 -5.27 -8.20
CA ILE B 151 -29.21 -5.85 -9.06
C ILE B 151 -30.60 -5.42 -8.60
N ARG B 152 -30.90 -5.58 -7.32
CA ARG B 152 -32.20 -5.13 -6.80
C ARG B 152 -32.44 -3.65 -7.20
N GLY B 153 -31.47 -2.80 -6.92
CA GLY B 153 -31.58 -1.39 -7.24
C GLY B 153 -31.97 -1.14 -8.68
N ILE B 154 -31.18 -1.70 -9.60
CA ILE B 154 -31.41 -1.40 -11.01
C ILE B 154 -32.70 -2.01 -11.55
N GLN B 155 -33.06 -3.16 -11.01
CA GLN B 155 -34.23 -3.88 -11.47
C GLN B 155 -35.47 -3.25 -10.91
N SER B 156 -35.35 -2.54 -9.79
CA SER B 156 -36.46 -1.77 -9.26
C SER B 156 -36.75 -0.55 -10.11
N LEU B 157 -35.77 -0.11 -10.90
CA LEU B 157 -36.00 1.04 -11.80
C LEU B 157 -36.52 0.61 -13.17
N TYR B 158 -35.93 -0.47 -13.71
CA TYR B 158 -36.13 -0.95 -15.10
C TYR B 158 -36.79 -2.34 -15.28
N GLY B 159 -37.27 -2.96 -14.20
N GLY B 159 -38.10 -4.45 -12.98
CA GLY B 159 -37.82 -4.32 -14.28
CA GLY B 159 -38.34 -5.91 -13.01
C GLY B 159 -36.80 -5.45 -14.43
C GLY B 159 -39.37 -6.24 -14.06
N GLY C 2 3.19 -10.45 9.02
CA GLY C 2 3.90 -11.54 9.77
C GLY C 2 3.62 -11.52 11.28
N PRO C 3 4.35 -12.34 12.06
CA PRO C 3 4.16 -12.33 13.51
C PRO C 3 4.82 -11.08 14.04
N VAL C 4 4.28 -10.59 15.14
CA VAL C 4 4.69 -9.34 15.73
C VAL C 4 4.67 -9.56 17.21
N TRP C 5 5.33 -8.69 17.96
CA TRP C 5 5.24 -8.83 19.41
C TRP C 5 3.82 -8.40 19.74
N ARG C 6 3.15 -9.10 20.66
CA ARG C 6 1.74 -8.80 21.02
C ARG C 6 1.68 -8.06 22.36
N LYS C 7 2.67 -7.18 22.57
CA LYS C 7 2.84 -6.40 23.79
C LYS C 7 3.72 -5.20 23.42
N HIS C 8 3.62 -4.14 24.22
CA HIS C 8 4.33 -2.88 23.97
C HIS C 8 5.64 -2.76 24.81
N TYR C 9 5.74 -3.49 25.93
CA TYR C 9 6.90 -3.42 26.80
C TYR C 9 7.75 -4.65 26.58
N ILE C 10 8.92 -4.47 26.02
CA ILE C 10 9.73 -5.58 25.53
C ILE C 10 11.11 -5.45 26.20
N THR C 11 11.66 -6.55 26.70
CA THR C 11 12.87 -6.46 27.43
C THR C 11 13.98 -7.00 26.58
N TYR C 12 15.17 -6.53 26.88
CA TYR C 12 16.37 -7.02 26.24
C TYR C 12 17.46 -7.24 27.29
N ARG C 13 18.41 -8.10 26.95
CA ARG C 13 19.51 -8.37 27.83
C ARG C 13 20.71 -8.58 26.96
N ILE C 14 21.85 -8.04 27.39
CA ILE C 14 23.16 -8.35 26.82
C ILE C 14 23.70 -9.63 27.43
N ASN C 15 23.81 -10.64 26.59
CA ASN C 15 24.26 -12.00 27.00
C ASN C 15 25.69 -11.98 27.33
N ASN C 16 26.45 -11.20 26.54
CA ASN C 16 27.94 -11.12 26.62
C ASN C 16 28.46 -9.97 25.88
N TYR C 17 29.73 -9.60 26.11
CA TYR C 17 30.24 -8.38 25.57
C TYR C 17 31.38 -8.64 24.60
N THR C 18 31.40 -7.90 23.52
CA THR C 18 32.49 -7.97 22.59
C THR C 18 33.73 -7.32 23.22
N PRO C 19 34.91 -7.97 23.12
CA PRO C 19 36.08 -7.27 23.59
C PRO C 19 36.58 -6.18 22.64
N ASP C 20 35.92 -5.92 21.50
CA ASP C 20 36.30 -4.85 20.56
C ASP C 20 36.12 -3.43 21.09
N MET C 21 35.19 -3.25 22.02
CA MET C 21 34.76 -1.94 22.42
C MET C 21 34.73 -1.93 23.92
N ASN C 22 34.83 -0.75 24.52
CA ASN C 22 34.43 -0.59 25.92
C ASN C 22 32.94 -1.00 26.15
N ARG C 23 32.76 -1.65 27.30
CA ARG C 23 31.38 -2.09 27.65
C ARG C 23 30.32 -0.97 27.63
N GLU C 24 30.69 0.18 28.14
CA GLU C 24 29.77 1.37 28.17
C GLU C 24 29.39 1.82 26.75
N ASP C 25 30.34 1.67 25.83
CA ASP C 25 30.06 1.96 24.47
C ASP C 25 29.13 0.93 23.84
N VAL C 26 29.22 -0.34 24.23
CA VAL C 26 28.26 -1.36 23.77
C VAL C 26 26.85 -1.06 24.30
N ASP C 27 26.76 -0.90 25.62
CA ASP C 27 25.55 -0.55 26.23
C ASP C 27 24.92 0.63 25.53
N TYR C 28 25.71 1.64 25.28
CA TYR C 28 25.16 2.90 24.65
C TYR C 28 24.70 2.73 23.19
N ALA C 29 25.50 2.03 22.39
CA ALA C 29 25.07 1.71 20.99
C ALA C 29 23.73 0.93 21.00
N ILE C 30 23.63 -0.02 21.95
CA ILE C 30 22.45 -0.88 22.03
C ILE C 30 21.24 -0.16 22.49
N ARG C 31 21.43 0.64 23.50
CA ARG C 31 20.30 1.39 24.04
C ARG C 31 19.78 2.40 23.01
N LYS C 32 20.68 3.15 22.41
CA LYS C 32 20.31 4.08 21.31
C LYS C 32 19.65 3.44 20.09
N ALA C 33 20.16 2.26 19.66
CA ALA C 33 19.47 1.49 18.60
C ALA C 33 18.01 1.15 18.93
N PHE C 34 17.73 0.77 20.17
CA PHE C 34 16.31 0.52 20.57
C PHE C 34 15.47 1.81 20.56
N GLN C 35 16.12 2.88 20.98
CA GLN C 35 15.53 4.22 20.99
C GLN C 35 15.09 4.72 19.67
N VAL C 36 15.92 4.45 18.65
CA VAL C 36 15.56 4.79 17.30
C VAL C 36 14.12 4.24 16.99
N TRP C 37 13.83 3.00 17.31
CA TRP C 37 12.50 2.38 17.05
C TRP C 37 11.36 2.79 18.02
N SER C 38 11.68 2.96 19.30
CA SER C 38 10.69 3.47 20.28
C SER C 38 10.31 4.89 19.99
N ASN C 39 11.18 5.66 19.32
CA ASN C 39 10.81 7.00 18.94
C ASN C 39 9.73 7.12 17.90
N VAL C 40 9.46 6.09 17.14
CA VAL C 40 8.41 6.18 16.08
C VAL C 40 7.31 5.13 16.27
N THR C 41 7.23 4.52 17.47
CA THR C 41 6.22 3.47 17.79
C THR C 41 5.75 3.62 19.25
N PRO C 42 4.66 2.92 19.63
CA PRO C 42 4.33 2.73 21.02
C PRO C 42 5.18 1.67 21.77
N LEU C 43 6.25 1.16 21.19
CA LEU C 43 7.07 0.21 21.89
C LEU C 43 7.96 0.89 22.95
N LYS C 44 8.06 0.23 24.10
CA LYS C 44 9.03 0.60 25.12
C LYS C 44 9.99 -0.56 25.34
N PHE C 45 11.29 -0.25 25.42
CA PHE C 45 12.30 -1.23 25.57
C PHE C 45 12.99 -1.03 26.92
N SER C 46 13.15 -2.10 27.69
CA SER C 46 13.86 -2.02 28.99
C SER C 46 14.90 -3.08 29.11
N LYS C 47 16.10 -2.66 29.51
CA LYS C 47 17.19 -3.55 29.67
C LYS C 47 17.05 -4.27 31.02
N ILE C 48 17.19 -5.60 31.02
CA ILE C 48 17.23 -6.38 32.27
C ILE C 48 18.57 -7.07 32.43
N ASN C 49 18.91 -7.34 33.69
CA ASN C 49 20.17 -7.89 34.08
C ASN C 49 20.08 -9.25 34.70
N THR C 50 18.88 -9.81 34.73
CA THR C 50 18.62 -11.11 35.22
C THR C 50 17.29 -11.63 34.63
N GLY C 51 17.17 -12.95 34.53
CA GLY C 51 15.94 -13.56 34.01
C GLY C 51 15.99 -13.67 32.52
N MET C 52 14.87 -14.11 31.97
CA MET C 52 14.73 -14.30 30.54
C MET C 52 14.20 -13.06 29.85
N ALA C 53 14.96 -12.49 28.94
CA ALA C 53 14.56 -11.28 28.20
C ALA C 53 13.84 -11.71 26.98
N ASP C 54 12.99 -10.81 26.44
CA ASP C 54 12.43 -11.07 25.11
C ASP C 54 13.50 -11.08 24.01
N ILE C 55 14.29 -10.03 23.95
CA ILE C 55 15.38 -9.98 22.89
C ILE C 55 16.72 -10.23 23.58
N LEU C 56 17.37 -11.35 23.33
CA LEU C 56 18.71 -11.54 23.81
C LEU C 56 19.69 -11.12 22.76
N VAL C 57 20.62 -10.30 23.19
CA VAL C 57 21.72 -9.79 22.36
C VAL C 57 23.00 -10.61 22.67
N VAL C 58 23.58 -11.28 21.67
CA VAL C 58 24.72 -12.13 21.81
C VAL C 58 25.83 -11.73 20.79
N PHE C 59 27.07 -11.73 21.23
CA PHE C 59 28.20 -11.73 20.32
C PHE C 59 28.82 -13.13 20.22
N ALA C 60 28.88 -13.68 19.02
CA ALA C 60 29.46 -15.03 18.83
C ALA C 60 30.13 -15.15 17.50
N ARG C 61 31.08 -16.05 17.42
CA ARG C 61 31.69 -16.37 16.15
C ARG C 61 31.36 -17.82 15.77
N GLY C 62 31.39 -18.06 14.44
CA GLY C 62 31.25 -19.33 13.85
C GLY C 62 29.91 -19.95 14.27
N ALA C 63 29.96 -21.22 14.63
CA ALA C 63 28.78 -21.95 15.05
C ALA C 63 28.55 -21.63 16.52
N HIS C 64 27.30 -21.32 16.85
CA HIS C 64 26.95 -20.88 18.23
C HIS C 64 25.62 -21.35 18.68
N GLY C 65 25.18 -22.50 18.12
CA GLY C 65 24.14 -23.33 18.78
C GLY C 65 22.71 -23.10 18.22
N ASP C 66 22.60 -22.34 17.13
CA ASP C 66 21.26 -22.00 16.54
C ASP C 66 21.08 -22.42 15.09
N ASP C 67 22.02 -23.23 14.57
CA ASP C 67 21.92 -23.84 13.23
C ASP C 67 22.16 -22.84 12.07
N HIS C 68 22.48 -21.56 12.43
CA HIS C 68 22.96 -20.54 11.48
C HIS C 68 24.37 -20.00 11.79
N ALA C 69 25.35 -20.80 11.44
CA ALA C 69 26.73 -20.44 11.76
C ALA C 69 27.23 -19.25 11.01
N PHE C 70 28.00 -18.42 11.71
CA PHE C 70 28.62 -17.25 11.11
C PHE C 70 29.88 -17.70 10.35
N ASP C 71 30.56 -16.73 9.69
CA ASP C 71 31.36 -17.02 8.51
C ASP C 71 32.73 -16.37 8.52
N GLY C 72 33.23 -16.05 9.71
CA GLY C 72 34.50 -15.21 9.82
C GLY C 72 34.31 -13.76 9.44
N LYS C 73 35.45 -13.11 9.33
CA LYS C 73 35.44 -11.66 9.06
C LYS C 73 34.79 -11.41 7.71
N GLY C 74 33.90 -10.42 7.65
CA GLY C 74 33.21 -10.07 6.47
C GLY C 74 31.96 -10.92 6.31
N GLY C 75 31.38 -10.81 5.12
CA GLY C 75 30.21 -11.58 4.75
C GLY C 75 29.07 -11.18 5.65
N ILE C 76 28.50 -12.20 6.29
CA ILE C 76 27.44 -11.96 7.20
C ILE C 76 28.05 -11.27 8.44
N LEU C 77 27.37 -10.20 8.86
CA LEU C 77 27.76 -9.39 10.03
C LEU C 77 26.98 -9.77 11.27
N ALA C 78 25.71 -10.20 11.11
CA ALA C 78 24.81 -10.33 12.29
C ALA C 78 23.51 -10.88 11.74
N HIS C 79 22.70 -11.41 12.64
CA HIS C 79 21.38 -11.79 12.22
C HIS C 79 20.49 -11.79 13.40
N ALA C 80 19.18 -11.78 13.12
CA ALA C 80 18.16 -11.75 14.19
C ALA C 80 16.99 -12.60 13.81
N PHE C 81 16.25 -13.02 14.83
CA PHE C 81 15.05 -13.85 14.60
C PHE C 81 13.84 -12.99 14.75
N GLY C 82 12.80 -13.31 13.98
CA GLY C 82 11.56 -12.53 14.12
C GLY C 82 10.89 -12.83 15.44
N PRO C 83 9.84 -12.03 15.77
CA PRO C 83 9.15 -12.10 17.04
C PRO C 83 8.67 -13.49 17.34
N GLY C 84 8.79 -13.86 18.59
CA GLY C 84 8.44 -15.22 19.03
C GLY C 84 9.08 -15.52 20.35
N SER C 85 8.64 -16.60 20.95
CA SER C 85 9.20 -17.02 22.22
C SER C 85 10.55 -17.63 21.99
N GLY C 86 11.32 -17.79 23.04
CA GLY C 86 12.56 -18.56 22.96
C GLY C 86 13.52 -17.72 22.16
N ILE C 87 14.19 -18.36 21.22
CA ILE C 87 15.12 -17.71 20.28
C ILE C 87 14.49 -16.55 19.46
N GLY C 88 13.17 -16.55 19.30
CA GLY C 88 12.54 -15.46 18.67
C GLY C 88 12.99 -14.15 19.29
N GLY C 89 13.20 -13.16 18.45
CA GLY C 89 13.61 -11.86 18.87
C GLY C 89 15.16 -11.69 18.90
N ASP C 90 15.92 -12.77 18.97
CA ASP C 90 17.25 -12.68 19.58
C ASP C 90 18.08 -12.10 18.47
N ALA C 91 19.11 -11.32 18.82
CA ALA C 91 19.93 -10.63 17.88
C ALA C 91 21.38 -11.01 18.13
N HIS C 92 22.05 -11.53 17.09
CA HIS C 92 23.42 -12.09 17.22
C HIS C 92 24.31 -11.32 16.31
N PHE C 93 25.50 -11.02 16.78
CA PHE C 93 26.50 -10.28 16.12
C PHE C 93 27.79 -11.09 16.02
N ASP C 94 28.32 -11.08 14.83
CA ASP C 94 29.48 -11.94 14.54
C ASP C 94 30.70 -11.30 15.13
N GLU C 95 31.23 -11.96 16.14
CA GLU C 95 32.41 -11.54 16.82
C GLU C 95 33.65 -11.45 15.98
N ASP C 96 33.67 -12.14 14.83
CA ASP C 96 34.81 -12.03 13.91
C ASP C 96 34.80 -10.71 13.22
N GLU C 97 33.71 -9.94 13.27
CA GLU C 97 33.82 -8.57 12.90
C GLU C 97 34.52 -7.73 13.95
N PHE C 98 35.00 -6.56 13.58
CA PHE C 98 35.51 -5.59 14.52
C PHE C 98 34.48 -4.51 14.75
N TRP C 99 33.75 -4.59 15.89
CA TRP C 99 32.67 -3.64 16.29
C TRP C 99 33.29 -2.36 16.84
N THR C 100 32.77 -1.24 16.38
CA THR C 100 33.31 0.09 16.61
C THR C 100 32.19 1.04 16.94
N THR C 101 32.52 2.14 17.61
CA THR C 101 31.58 3.25 17.85
C THR C 101 31.41 4.26 16.70
N HIS C 102 32.38 4.22 15.80
N HIS C 102 32.43 4.38 15.85
CA HIS C 102 32.58 5.16 14.70
CA HIS C 102 32.32 5.15 14.60
C HIS C 102 32.58 4.32 13.41
C HIS C 102 32.65 4.23 13.42
N SER C 103 33.45 4.70 12.45
CA SER C 103 33.52 4.09 11.07
C SER C 103 34.61 3.06 10.77
N GLY C 104 35.44 2.75 11.75
CA GLY C 104 36.69 2.04 11.50
C GLY C 104 36.68 0.53 11.64
N GLY C 105 35.54 -0.07 11.39
CA GLY C 105 35.43 -1.51 11.32
C GLY C 105 33.97 -1.65 10.96
N THR C 106 33.17 -2.22 11.85
CA THR C 106 31.74 -2.37 11.57
C THR C 106 31.02 -1.65 12.67
N ASN C 107 30.15 -0.69 12.31
CA ASN C 107 29.54 0.15 13.33
C ASN C 107 28.45 -0.60 14.06
N LEU C 108 28.60 -0.78 15.38
CA LEU C 108 27.61 -1.52 16.12
C LEU C 108 26.27 -0.93 16.11
N PHE C 109 26.19 0.38 16.40
CA PHE C 109 24.90 1.09 16.51
C PHE C 109 24.06 0.90 15.26
N LEU C 110 24.64 1.17 14.10
CA LEU C 110 23.94 0.99 12.81
C LEU C 110 23.52 -0.47 12.56
N THR C 111 24.44 -1.42 12.80
CA THR C 111 24.08 -2.84 12.68
C THR C 111 23.01 -3.26 13.68
N ALA C 112 23.03 -2.70 14.90
CA ALA C 112 21.99 -2.98 15.82
C ALA C 112 20.63 -2.43 15.48
N VAL C 113 20.55 -1.21 14.95
CA VAL C 113 19.25 -0.68 14.49
C VAL C 113 18.62 -1.63 13.46
N HIS C 114 19.41 -2.00 12.48
CA HIS C 114 18.91 -3.00 11.44
C HIS C 114 18.41 -4.37 11.99
N GLN C 115 19.25 -5.00 12.81
CA GLN C 115 18.88 -6.26 13.49
C GLN C 115 17.66 -6.17 14.35
N ILE C 116 17.53 -5.03 15.08
CA ILE C 116 16.41 -4.85 15.94
C ILE C 116 15.17 -4.77 15.03
N GLY C 117 15.30 -4.14 13.84
CA GLY C 117 14.19 -4.07 12.89
C GLY C 117 13.67 -5.47 12.53
N HIS C 118 14.61 -6.34 12.23
CA HIS C 118 14.25 -7.76 12.05
C HIS C 118 13.69 -8.40 13.32
N SER C 119 14.23 -8.10 14.53
CA SER C 119 13.68 -8.69 15.75
C SER C 119 12.29 -8.22 15.95
N LEU C 120 11.93 -7.05 15.40
CA LEU C 120 10.56 -6.52 15.54
C LEU C 120 9.63 -7.03 14.49
N GLY C 121 10.14 -7.75 13.47
CA GLY C 121 9.29 -8.36 12.38
C GLY C 121 9.44 -7.64 11.02
N LEU C 122 10.37 -6.66 10.89
CA LEU C 122 10.60 -5.97 9.61
C LEU C 122 11.46 -6.82 8.64
N GLY C 123 11.13 -6.66 7.35
CA GLY C 123 11.93 -7.18 6.24
C GLY C 123 12.78 -6.06 5.72
N HIS C 124 13.20 -6.20 4.46
CA HIS C 124 14.17 -5.26 3.90
C HIS C 124 13.49 -4.21 3.01
N SER C 125 14.21 -3.14 2.80
CA SER C 125 13.76 -1.99 2.01
C SER C 125 14.59 -1.94 0.76
N SER C 126 13.98 -1.40 -0.29
CA SER C 126 14.67 -1.15 -1.56
C SER C 126 15.22 0.27 -1.64
N ASP C 127 15.10 1.07 -0.58
CA ASP C 127 15.73 2.39 -0.44
C ASP C 127 17.11 2.31 0.20
N PRO C 128 18.18 2.68 -0.55
CA PRO C 128 19.53 2.70 -0.01
C PRO C 128 19.67 3.56 1.24
N LYS C 129 18.72 4.49 1.42
CA LYS C 129 18.69 5.39 2.59
C LYS C 129 18.03 4.73 3.81
N ALA C 130 17.28 3.68 3.57
CA ALA C 130 16.61 2.97 4.65
C ALA C 130 17.58 2.23 5.50
N VAL C 131 17.36 2.26 6.83
CA VAL C 131 18.20 1.45 7.74
C VAL C 131 17.98 -0.05 7.53
N MET C 132 16.82 -0.44 7.00
CA MET C 132 16.52 -1.81 6.59
C MET C 132 16.90 -2.18 5.13
N PHE C 133 17.68 -1.35 4.45
CA PHE C 133 18.34 -1.78 3.22
C PHE C 133 19.28 -2.95 3.50
N PRO C 134 19.52 -3.84 2.53
CA PRO C 134 20.23 -5.10 2.89
C PRO C 134 21.74 -5.05 2.90
N THR C 135 22.33 -3.89 2.67
CA THR C 135 23.73 -3.75 2.49
C THR C 135 24.17 -2.80 3.52
N TYR C 136 25.20 -3.16 4.25
CA TYR C 136 25.77 -2.27 5.27
C TYR C 136 26.56 -1.20 4.54
N LYS C 137 26.43 0.03 5.01
N LYS C 137 26.45 0.03 5.00
CA LYS C 137 27.34 1.09 4.61
CA LYS C 137 27.49 1.00 4.71
C LYS C 137 27.45 2.02 5.81
C LYS C 137 27.47 2.01 5.80
N TYR C 138 28.64 2.53 6.13
CA TYR C 138 28.71 3.56 7.14
C TYR C 138 27.97 4.83 6.62
N VAL C 139 27.04 5.38 7.41
CA VAL C 139 26.43 6.65 7.15
C VAL C 139 26.80 7.54 8.35
N ASP C 140 26.62 8.83 8.17
CA ASP C 140 26.85 9.79 9.23
C ASP C 140 25.87 9.60 10.35
N ILE C 141 26.33 9.18 11.53
CA ILE C 141 25.44 8.94 12.65
C ILE C 141 24.80 10.25 13.09
N ASN C 142 25.55 11.33 12.97
CA ASN C 142 25.06 12.65 13.38
C ASN C 142 23.73 13.06 12.67
N THR C 143 23.64 12.77 11.36
CA THR C 143 22.45 13.02 10.57
C THR C 143 21.58 11.79 10.41
N PHE C 144 21.88 10.70 11.15
CA PHE C 144 21.13 9.48 11.04
C PHE C 144 19.64 9.71 11.36
N ARG C 145 18.81 9.22 10.48
CA ARG C 145 17.35 9.21 10.69
C ARG C 145 16.74 8.05 9.93
N LEU C 146 15.61 7.54 10.38
CA LEU C 146 14.88 6.51 9.63
C LEU C 146 14.24 7.11 8.38
N SER C 147 14.23 6.39 7.26
CA SER C 147 13.58 6.79 6.03
C SER C 147 12.08 6.60 6.17
N ALA C 148 11.33 7.19 5.24
CA ALA C 148 9.87 7.00 5.20
C ALA C 148 9.58 5.55 5.10
N ASP C 149 10.35 4.80 4.30
CA ASP C 149 10.15 3.36 4.17
C ASP C 149 10.26 2.60 5.51
N ASP C 150 11.30 2.85 6.29
CA ASP C 150 11.40 2.23 7.61
C ASP C 150 10.18 2.55 8.51
N ILE C 151 9.79 3.84 8.51
CA ILE C 151 8.78 4.32 9.41
C ILE C 151 7.41 3.73 9.07
N ARG C 152 7.03 3.78 7.79
N ARG C 152 7.06 3.74 7.78
CA ARG C 152 5.81 3.15 7.31
CA ARG C 152 5.82 3.12 7.28
C ARG C 152 5.83 1.67 7.70
C ARG C 152 5.81 1.62 7.57
N GLY C 153 7.00 1.03 7.56
CA GLY C 153 7.16 -0.37 7.80
C GLY C 153 6.80 -0.70 9.23
N ILE C 154 7.46 -0.02 10.16
CA ILE C 154 7.31 -0.41 11.55
C ILE C 154 5.95 0.06 12.06
N GLN C 155 5.48 1.19 11.51
CA GLN C 155 4.13 1.70 11.86
C GLN C 155 3.01 0.85 11.33
N SER C 156 3.19 0.17 10.20
CA SER C 156 2.24 -0.81 9.79
C SER C 156 2.18 -1.98 10.75
N LEU C 157 3.27 -2.33 11.43
CA LEU C 157 3.25 -3.46 12.37
C LEU C 157 2.75 -3.11 13.76
N TYR C 158 3.09 -1.89 14.27
CA TYR C 158 2.87 -1.49 15.69
C TYR C 158 2.08 -0.22 15.96
N GLY C 159 1.86 0.62 14.95
CA GLY C 159 1.40 2.03 15.12
C GLY C 159 -0.01 2.31 14.60
N GLY D 2 3.61 7.58 -18.54
CA GLY D 2 2.87 6.62 -17.68
C GLY D 2 3.80 5.75 -16.87
N PRO D 3 3.26 4.69 -16.31
CA PRO D 3 4.09 3.69 -15.78
C PRO D 3 4.23 2.52 -16.75
N VAL D 4 3.50 2.47 -17.88
CA VAL D 4 3.60 1.28 -18.78
C VAL D 4 3.57 1.64 -20.28
N TRP D 5 4.33 0.90 -21.11
CA TRP D 5 4.22 1.07 -22.56
C TRP D 5 2.88 0.43 -22.94
N ARG D 6 2.06 1.14 -23.71
CA ARG D 6 0.71 0.67 -24.10
C ARG D 6 0.81 -0.09 -25.44
N LYS D 7 1.87 -0.86 -25.63
CA LYS D 7 2.11 -1.58 -26.88
C LYS D 7 3.14 -2.63 -26.55
N HIS D 8 3.13 -3.73 -27.31
CA HIS D 8 4.02 -4.82 -27.05
C HIS D 8 5.25 -4.82 -27.96
N TYR D 9 5.18 -4.08 -29.06
CA TYR D 9 6.30 -3.95 -29.99
C TYR D 9 6.99 -2.61 -29.75
N ILE D 10 8.23 -2.68 -29.26
CA ILE D 10 8.97 -1.51 -28.80
C ILE D 10 10.34 -1.46 -29.52
N THR D 11 10.63 -0.32 -30.11
CA THR D 11 11.85 -0.14 -30.88
C THR D 11 12.92 0.50 -30.01
N TYR D 12 14.16 0.25 -30.36
CA TYR D 12 15.30 0.93 -29.76
C TYR D 12 16.30 1.30 -30.82
N ARG D 13 17.11 2.33 -30.53
CA ARG D 13 18.18 2.80 -31.35
C ARG D 13 19.37 3.17 -30.54
N ILE D 14 20.52 2.86 -31.07
CA ILE D 14 21.78 3.29 -30.45
C ILE D 14 22.18 4.62 -31.02
N ASN D 15 22.00 5.69 -30.22
CA ASN D 15 22.27 7.09 -30.68
C ASN D 15 23.73 7.27 -31.02
N ASN D 16 24.58 6.62 -30.25
CA ASN D 16 26.04 6.72 -30.40
C ASN D 16 26.77 5.61 -29.60
N TYR D 17 28.08 5.38 -29.91
CA TYR D 17 28.79 4.29 -29.34
C TYR D 17 29.89 4.73 -28.41
N THR D 18 30.02 4.07 -27.26
CA THR D 18 31.18 4.31 -26.37
C THR D 18 32.43 3.89 -27.12
N PRO D 19 33.53 4.68 -27.03
CA PRO D 19 34.75 4.15 -27.60
C PRO D 19 35.40 3.11 -26.71
N ASP D 20 34.84 2.82 -25.53
CA ASP D 20 35.48 1.84 -24.64
C ASP D 20 35.49 0.39 -25.14
N MET D 21 34.45 0.03 -25.91
CA MET D 21 34.18 -1.33 -26.42
C MET D 21 34.07 -1.33 -27.95
N ASN D 22 34.30 -2.51 -28.52
CA ASN D 22 34.11 -2.80 -29.89
C ASN D 22 32.66 -2.58 -30.09
N ARG D 23 32.32 -2.02 -31.27
CA ARG D 23 30.94 -1.76 -31.57
C ARG D 23 30.03 -2.98 -31.56
N GLU D 24 30.54 -4.10 -32.06
N GLU D 24 30.54 -4.10 -32.06
CA GLU D 24 29.84 -5.38 -32.00
CA GLU D 24 29.82 -5.37 -32.02
C GLU D 24 29.49 -5.79 -30.57
C GLU D 24 29.48 -5.76 -30.57
N ASP D 25 30.43 -5.65 -29.64
CA ASP D 25 30.18 -5.94 -28.20
C ASP D 25 29.13 -5.00 -27.56
N VAL D 26 29.06 -3.73 -28.00
CA VAL D 26 28.00 -2.83 -27.51
C VAL D 26 26.65 -3.37 -28.04
N ASP D 27 26.56 -3.65 -29.33
CA ASP D 27 25.35 -4.17 -29.92
C ASP D 27 24.87 -5.43 -29.27
N TYR D 28 25.81 -6.36 -29.03
CA TYR D 28 25.45 -7.64 -28.43
C TYR D 28 25.02 -7.50 -26.96
N ALA D 29 25.78 -6.73 -26.19
CA ALA D 29 25.34 -6.42 -24.79
C ALA D 29 23.91 -5.87 -24.71
N ILE D 30 23.63 -4.89 -25.52
CA ILE D 30 22.31 -4.19 -25.48
C ILE D 30 21.18 -5.11 -25.94
N ARG D 31 21.39 -5.82 -27.04
CA ARG D 31 20.38 -6.72 -27.55
C ARG D 31 20.07 -7.83 -26.51
N LYS D 32 21.13 -8.47 -25.99
CA LYS D 32 21.01 -9.44 -24.91
C LYS D 32 20.25 -8.90 -23.70
N ALA D 33 20.58 -7.66 -23.31
CA ALA D 33 19.86 -6.95 -22.21
C ALA D 33 18.35 -6.85 -22.48
N PHE D 34 17.99 -6.45 -23.67
CA PHE D 34 16.57 -6.50 -24.06
C PHE D 34 15.95 -7.90 -24.07
N GLN D 35 16.72 -8.88 -24.58
CA GLN D 35 16.30 -10.26 -24.60
C GLN D 35 15.92 -10.81 -23.21
N VAL D 36 16.68 -10.43 -22.19
CA VAL D 36 16.38 -10.82 -20.82
C VAL D 36 14.95 -10.47 -20.42
N TRP D 37 14.50 -9.27 -20.74
CA TRP D 37 13.10 -8.87 -20.47
C TRP D 37 12.04 -9.48 -21.41
N SER D 38 12.37 -9.67 -22.69
N SER D 38 12.42 -9.66 -22.67
CA SER D 38 11.40 -10.24 -23.65
CA SER D 38 11.53 -10.22 -23.67
C SER D 38 11.27 -11.74 -23.43
C SER D 38 11.24 -11.68 -23.32
N ASN D 39 12.25 -12.37 -22.78
CA ASN D 39 12.11 -13.75 -22.34
C ASN D 39 11.05 -14.03 -21.25
N VAL D 40 10.63 -13.05 -20.48
CA VAL D 40 9.64 -13.24 -19.39
C VAL D 40 8.32 -12.45 -19.54
N THR D 41 8.17 -11.74 -20.67
CA THR D 41 7.00 -10.88 -20.95
C THR D 41 6.56 -11.17 -22.37
N PRO D 42 5.41 -10.64 -22.82
CA PRO D 42 5.12 -10.59 -24.27
C PRO D 42 5.72 -9.40 -25.05
N LEU D 43 6.80 -8.78 -24.57
CA LEU D 43 7.30 -7.59 -25.19
C LEU D 43 8.24 -8.04 -26.25
N LYS D 44 8.18 -7.36 -27.41
CA LYS D 44 9.14 -7.58 -28.50
C LYS D 44 9.91 -6.33 -28.74
N PHE D 45 11.25 -6.49 -28.82
CA PHE D 45 12.18 -5.40 -29.02
C PHE D 45 12.82 -5.44 -30.43
N SER D 46 12.88 -4.33 -31.13
CA SER D 46 13.48 -4.29 -32.50
C SER D 46 14.44 -3.17 -32.52
N LYS D 47 15.65 -3.44 -32.98
CA LYS D 47 16.62 -2.39 -33.20
C LYS D 47 16.28 -1.70 -34.53
N ILE D 48 16.14 -0.36 -34.50
CA ILE D 48 16.02 0.42 -35.71
C ILE D 48 17.28 1.30 -35.91
N ASN D 49 17.57 1.60 -37.18
CA ASN D 49 18.76 2.31 -37.64
C ASN D 49 18.44 3.66 -38.30
N THR D 50 17.17 3.93 -38.39
CA THR D 50 16.70 5.18 -38.84
C THR D 50 15.33 5.44 -38.13
N GLY D 51 15.02 6.73 -37.96
CA GLY D 51 13.71 7.14 -37.41
C GLY D 51 13.75 7.30 -35.92
N MET D 52 12.64 7.76 -35.36
CA MET D 52 12.52 7.86 -33.93
C MET D 52 12.15 6.53 -33.26
N ALA D 53 13.05 6.03 -32.41
CA ALA D 53 12.81 4.85 -31.61
C ALA D 53 12.08 5.22 -30.39
N ASP D 54 11.46 4.21 -29.77
CA ASP D 54 10.89 4.39 -28.42
C ASP D 54 11.99 4.55 -27.38
N ILE D 55 12.89 3.60 -27.36
CA ILE D 55 14.04 3.63 -26.43
C ILE D 55 15.35 4.06 -27.17
N LEU D 56 15.83 5.24 -26.83
CA LEU D 56 17.07 5.71 -27.35
C LEU D 56 18.16 5.43 -26.38
N VAL D 57 19.21 4.80 -26.87
CA VAL D 57 20.34 4.45 -26.03
C VAL D 57 21.48 5.41 -26.34
N VAL D 58 21.98 6.10 -25.29
CA VAL D 58 22.91 7.22 -25.43
C VAL D 58 24.08 7.01 -24.51
N PHE D 59 25.25 7.22 -25.03
CA PHE D 59 26.44 7.31 -24.19
C PHE D 59 26.86 8.80 -24.04
N ALA D 60 26.86 9.31 -22.83
CA ALA D 60 27.26 10.73 -22.64
C ALA D 60 27.91 10.99 -21.33
N ARG D 61 28.78 12.01 -21.30
CA ARG D 61 29.38 12.49 -20.07
C ARG D 61 28.80 13.83 -19.57
N GLY D 62 28.96 14.07 -18.26
CA GLY D 62 28.50 15.34 -17.59
C GLY D 62 27.10 15.80 -17.96
N ALA D 63 26.94 17.07 -18.32
CA ALA D 63 25.65 17.55 -18.82
C ALA D 63 25.39 17.19 -20.28
N HIS D 64 24.20 16.66 -20.60
CA HIS D 64 23.93 16.12 -21.95
C HIS D 64 22.52 16.40 -22.38
N GLY D 65 21.98 17.54 -21.88
CA GLY D 65 20.81 18.17 -22.44
C GLY D 65 19.51 17.58 -21.94
N ASP D 66 19.51 16.86 -20.82
CA ASP D 66 18.25 16.35 -20.20
C ASP D 66 18.05 16.82 -18.71
N ASP D 67 18.85 17.80 -18.24
CA ASP D 67 18.67 18.36 -16.87
C ASP D 67 19.00 17.37 -15.73
N HIS D 68 19.68 16.27 -16.04
CA HIS D 68 20.22 15.35 -15.02
C HIS D 68 21.62 15.03 -15.46
N ALA D 69 22.50 15.93 -15.13
CA ALA D 69 23.91 15.76 -15.50
C ALA D 69 24.58 14.56 -14.69
N PHE D 70 25.50 13.95 -15.40
CA PHE D 70 26.33 12.93 -14.89
C PHE D 70 27.48 13.57 -14.14
N ASP D 71 28.34 12.75 -13.51
CA ASP D 71 29.18 13.13 -12.40
C ASP D 71 30.65 12.63 -12.50
N GLY D 72 31.18 12.35 -13.69
CA GLY D 72 32.50 11.64 -13.85
C GLY D 72 32.60 10.15 -13.45
N LYS D 73 33.81 9.70 -13.48
CA LYS D 73 34.11 8.33 -13.08
C LYS D 73 33.53 8.03 -11.68
N GLY D 74 32.85 6.92 -11.53
CA GLY D 74 32.20 6.58 -10.31
C GLY D 74 30.84 7.19 -10.16
N GLY D 75 30.26 6.96 -9.01
CA GLY D 75 29.00 7.45 -8.65
C GLY D 75 27.92 6.93 -9.54
N ILE D 76 27.20 7.88 -10.12
CA ILE D 76 26.10 7.55 -10.98
C ILE D 76 26.74 6.91 -12.21
N LEU D 77 26.26 5.69 -12.52
CA LEU D 77 26.68 4.96 -13.77
C LEU D 77 25.87 5.24 -15.03
N ALA D 78 24.58 5.46 -14.83
CA ALA D 78 23.70 5.52 -15.92
C ALA D 78 22.39 5.91 -15.37
N HIS D 79 21.48 6.38 -16.22
CA HIS D 79 20.06 6.50 -15.82
C HIS D 79 19.10 6.29 -16.96
N ALA D 80 17.84 6.12 -16.64
CA ALA D 80 16.83 5.93 -17.64
C ALA D 80 15.52 6.56 -17.23
N PHE D 81 14.78 7.04 -18.23
CA PHE D 81 13.41 7.53 -18.07
C PHE D 81 12.29 6.51 -18.21
N GLY D 82 11.24 6.60 -17.39
CA GLY D 82 10.16 5.63 -17.50
C GLY D 82 9.38 5.77 -18.83
N PRO D 83 8.45 4.83 -19.09
CA PRO D 83 7.74 4.85 -20.35
C PRO D 83 7.10 6.22 -20.64
N GLY D 84 7.13 6.62 -21.89
CA GLY D 84 6.51 7.89 -22.30
C GLY D 84 7.02 8.27 -23.66
N SER D 85 6.47 9.33 -24.20
CA SER D 85 6.90 9.79 -25.52
C SER D 85 8.17 10.64 -25.35
N GLY D 86 8.78 11.05 -26.48
CA GLY D 86 9.97 11.93 -26.41
C GLY D 86 11.03 11.18 -25.60
N ILE D 87 11.61 11.87 -24.64
CA ILE D 87 12.68 11.33 -23.81
C ILE D 87 12.27 10.16 -22.92
N GLY D 88 10.97 9.98 -22.73
CA GLY D 88 10.42 8.79 -22.09
C GLY D 88 11.09 7.54 -22.66
N GLY D 89 11.51 6.61 -21.81
CA GLY D 89 12.06 5.32 -22.32
C GLY D 89 13.57 5.33 -22.42
N ASP D 90 14.14 6.53 -22.58
CA ASP D 90 15.51 6.65 -23.08
C ASP D 90 16.47 6.25 -21.95
N ALA D 91 17.53 5.59 -22.37
CA ALA D 91 18.55 5.07 -21.46
C ALA D 91 19.95 5.74 -21.77
N HIS D 92 20.53 6.38 -20.74
CA HIS D 92 21.78 7.07 -20.88
C HIS D 92 22.83 6.40 -20.02
N PHE D 93 24.02 6.29 -20.57
CA PHE D 93 25.11 5.66 -19.91
C PHE D 93 26.25 6.67 -19.81
N ASP D 94 26.79 6.74 -18.63
CA ASP D 94 27.79 7.80 -18.34
C ASP D 94 29.10 7.36 -18.97
N GLU D 95 29.46 8.07 -20.02
CA GLU D 95 30.71 7.76 -20.70
C GLU D 95 32.02 7.92 -19.86
N ASP D 96 31.99 8.64 -18.75
CA ASP D 96 33.20 8.66 -17.92
C ASP D 96 33.38 7.30 -17.20
N GLU D 97 32.36 6.43 -17.19
CA GLU D 97 32.70 5.02 -16.83
C GLU D 97 33.51 4.33 -17.94
N PHE D 98 34.17 3.26 -17.58
CA PHE D 98 34.78 2.37 -18.51
C PHE D 98 33.88 1.17 -18.70
N TRP D 99 33.17 1.14 -19.84
CA TRP D 99 32.20 0.07 -20.14
C TRP D 99 32.95 -1.15 -20.70
N THR D 100 32.64 -2.30 -20.13
CA THR D 100 33.27 -3.54 -20.55
C THR D 100 32.29 -4.69 -20.82
N THR D 101 32.76 -5.67 -21.60
CA THR D 101 32.03 -6.93 -21.86
C THR D 101 32.02 -7.94 -20.67
N HIS D 102 33.05 -7.98 -19.86
CA HIS D 102 33.06 -8.76 -18.62
C HIS D 102 33.34 -7.87 -17.37
N SER D 103 34.35 -8.23 -16.56
CA SER D 103 34.63 -7.59 -15.23
C SER D 103 35.64 -6.41 -15.23
N GLY D 104 36.17 -6.05 -16.37
CA GLY D 104 37.24 -5.04 -16.38
C GLY D 104 36.94 -3.64 -15.82
N GLY D 105 35.68 -3.25 -15.74
CA GLY D 105 35.32 -1.86 -15.34
C GLY D 105 33.86 -1.84 -14.93
N THR D 106 33.01 -1.24 -15.71
CA THR D 106 31.57 -1.38 -15.46
C THR D 106 30.93 -2.21 -16.55
N ASN D 107 30.17 -3.23 -16.17
CA ASN D 107 29.67 -4.14 -17.14
C ASN D 107 28.45 -3.56 -17.85
N LEU D 108 28.59 -3.39 -19.16
CA LEU D 108 27.54 -2.80 -19.95
C LEU D 108 26.30 -3.62 -19.92
N PHE D 109 26.45 -4.97 -20.08
CA PHE D 109 25.25 -5.84 -20.14
C PHE D 109 24.41 -5.69 -18.88
N LEU D 110 25.06 -5.74 -17.71
CA LEU D 110 24.26 -5.79 -16.40
C LEU D 110 23.57 -4.45 -16.18
N THR D 111 24.31 -3.42 -16.56
CA THR D 111 23.86 -2.02 -16.41
C THR D 111 22.73 -1.85 -17.35
N ALA D 112 22.82 -2.38 -18.57
CA ALA D 112 21.71 -2.25 -19.51
C ALA D 112 20.46 -2.97 -19.09
N VAL D 113 20.59 -4.14 -18.47
CA VAL D 113 19.39 -4.88 -17.98
C VAL D 113 18.64 -4.02 -16.97
N HIS D 114 19.37 -3.54 -16.02
CA HIS D 114 18.77 -2.66 -14.92
C HIS D 114 18.12 -1.47 -15.47
N GLN D 115 18.87 -0.67 -16.29
CA GLN D 115 18.31 0.54 -16.97
C GLN D 115 17.10 0.32 -17.85
N ILE D 116 17.10 -0.73 -18.62
CA ILE D 116 15.93 -1.09 -19.48
C ILE D 116 14.74 -1.44 -18.58
N GLY D 117 15.01 -2.12 -17.45
CA GLY D 117 13.99 -2.27 -16.37
C GLY D 117 13.29 -0.95 -15.99
N HIS D 118 14.10 0.07 -15.79
CA HIS D 118 13.58 1.38 -15.54
C HIS D 118 12.89 1.90 -16.84
N SER D 119 13.44 1.69 -18.03
CA SER D 119 12.78 2.16 -19.25
C SER D 119 11.41 1.48 -19.43
N LEU D 120 11.25 0.30 -18.86
CA LEU D 120 9.94 -0.45 -18.92
C LEU D 120 8.97 -0.08 -17.82
N GLY D 121 9.42 0.73 -16.86
CA GLY D 121 8.55 1.23 -15.73
C GLY D 121 8.87 0.57 -14.41
N LEU D 122 9.89 -0.29 -14.31
CA LEU D 122 10.27 -0.83 -12.99
C LEU D 122 11.01 0.14 -12.09
N GLY D 123 10.75 -0.10 -10.81
CA GLY D 123 11.44 0.55 -9.69
C GLY D 123 12.52 -0.38 -9.17
N HIS D 124 12.86 -0.18 -7.92
CA HIS D 124 13.95 -0.91 -7.34
C HIS D 124 13.39 -2.05 -6.48
N SER D 125 14.17 -3.10 -6.39
CA SER D 125 13.93 -4.28 -5.57
C SER D 125 14.74 -4.26 -4.27
N SER D 126 14.22 -4.93 -3.25
CA SER D 126 14.97 -5.03 -1.97
C SER D 126 15.78 -6.31 -1.86
N ASP D 127 15.81 -7.09 -2.93
CA ASP D 127 16.56 -8.35 -3.00
C ASP D 127 17.91 -8.12 -3.63
N PRO D 128 19.00 -8.37 -2.83
CA PRO D 128 20.30 -8.19 -3.40
C PRO D 128 20.57 -9.01 -4.67
N LYS D 129 19.85 -10.10 -4.91
CA LYS D 129 20.02 -10.95 -6.11
C LYS D 129 19.32 -10.40 -7.33
N ALA D 130 18.35 -9.54 -7.11
CA ALA D 130 17.62 -8.96 -8.20
C ALA D 130 18.47 -8.02 -9.05
N VAL D 131 18.19 -8.05 -10.35
CA VAL D 131 18.87 -7.14 -11.23
C VAL D 131 18.42 -5.67 -10.98
N MET D 132 17.22 -5.50 -10.40
CA MET D 132 16.68 -4.20 -10.07
C MET D 132 17.07 -3.70 -8.64
N PHE D 133 17.90 -4.45 -7.96
CA PHE D 133 18.60 -3.90 -6.81
C PHE D 133 19.32 -2.58 -7.12
N PRO D 134 19.33 -1.61 -6.18
CA PRO D 134 19.89 -0.29 -6.48
C PRO D 134 21.37 -0.19 -6.57
N THR D 135 22.10 -1.24 -6.24
CA THR D 135 23.56 -1.14 -6.18
C THR D 135 24.18 -2.11 -7.19
N TYR D 136 25.12 -1.58 -7.96
CA TYR D 136 25.83 -2.33 -8.98
C TYR D 136 26.84 -3.26 -8.33
N LYS D 137 26.85 -4.50 -8.78
N LYS D 137 26.86 -4.50 -8.78
CA LYS D 137 27.96 -5.40 -8.50
CA LYS D 137 27.94 -5.44 -8.44
C LYS D 137 28.03 -6.30 -9.70
C LYS D 137 28.02 -6.35 -9.64
N TYR D 138 29.22 -6.82 -9.94
CA TYR D 138 29.44 -7.79 -10.97
C TYR D 138 28.97 -9.12 -10.43
N VAL D 139 28.00 -9.71 -11.11
CA VAL D 139 27.59 -11.08 -10.88
C VAL D 139 28.10 -11.92 -12.08
N ASP D 140 28.11 -13.20 -11.90
CA ASP D 140 28.47 -14.14 -12.96
C ASP D 140 27.46 -14.12 -14.13
N ILE D 141 27.82 -13.57 -15.26
CA ILE D 141 26.80 -13.44 -16.35
C ILE D 141 26.42 -14.88 -16.90
N ASN D 142 27.33 -15.85 -16.78
CA ASN D 142 27.04 -17.25 -17.15
C ASN D 142 25.87 -17.80 -16.30
N THR D 143 25.73 -17.35 -15.04
CA THR D 143 24.63 -17.83 -14.23
C THR D 143 23.59 -16.81 -14.10
N PHE D 144 23.60 -15.79 -14.94
CA PHE D 144 22.69 -14.64 -14.77
C PHE D 144 21.29 -15.09 -14.96
N ARG D 145 20.45 -14.64 -14.07
CA ARG D 145 19.03 -14.91 -14.24
C ARG D 145 18.28 -13.85 -13.45
N LEU D 146 17.10 -13.47 -13.92
CA LEU D 146 16.25 -12.56 -13.18
C LEU D 146 15.75 -13.23 -11.93
N SER D 147 15.68 -12.47 -10.83
CA SER D 147 15.10 -12.97 -9.55
C SER D 147 13.60 -12.99 -9.62
N ALA D 148 12.95 -13.73 -8.73
CA ALA D 148 11.47 -13.78 -8.63
C ALA D 148 10.90 -12.37 -8.54
N ASP D 149 11.59 -11.50 -7.81
CA ASP D 149 11.14 -10.13 -7.58
C ASP D 149 11.14 -9.29 -8.88
N ASP D 150 12.18 -9.48 -9.69
CA ASP D 150 12.23 -8.94 -11.07
C ASP D 150 11.10 -9.43 -11.90
N ILE D 151 10.91 -10.74 -11.92
CA ILE D 151 9.93 -11.36 -12.77
C ILE D 151 8.52 -10.93 -12.36
N ARG D 152 8.20 -11.09 -11.08
CA ARG D 152 6.94 -10.55 -10.49
C ARG D 152 6.67 -9.09 -10.88
N GLY D 153 7.71 -8.27 -10.88
CA GLY D 153 7.55 -6.84 -11.14
C GLY D 153 7.20 -6.58 -12.58
N ILE D 154 8.03 -7.13 -13.47
CA ILE D 154 7.80 -6.95 -14.89
C ILE D 154 6.48 -7.58 -15.33
N GLN D 155 6.19 -8.77 -14.82
CA GLN D 155 4.89 -9.41 -15.14
C GLN D 155 3.65 -8.73 -14.53
N SER D 156 3.78 -7.96 -13.46
CA SER D 156 2.69 -7.13 -13.00
C SER D 156 2.40 -5.96 -13.94
N LEU D 157 3.38 -5.55 -14.74
CA LEU D 157 3.20 -4.51 -15.67
C LEU D 157 2.72 -4.99 -16.98
N TYR D 158 3.17 -6.14 -17.48
CA TYR D 158 2.90 -6.56 -18.87
C TYR D 158 2.34 -7.99 -19.14
N GLY D 159 2.24 -8.85 -18.12
CA GLY D 159 1.85 -10.27 -18.28
C GLY D 159 3.03 -11.22 -18.56
#